data_5QA8
#
_entry.id   5QA8
#
_cell.length_a   125.014
_cell.length_b   88.339
_cell.length_c   106.875
_cell.angle_alpha   90.00
_cell.angle_beta   90.00
_cell.angle_gamma   90.00
#
_symmetry.space_group_name_H-M   'P 21 21 21'
#
loop_
_entity.id
_entity.type
_entity.pdbx_description
1 polymer Beta-lactamase
2 non-polymer '3-(4-hydroxyphenyl)benzoic acid'
3 non-polymer 'CHLORIDE ION'
4 water water
#
_entity_poly.entity_id   1
_entity_poly.type   'polypeptide(L)'
_entity_poly.pdbx_seq_one_letter_code
;KEWQENKSWNAHFTEHKSQGVVVLWNENKQQGFTNNLKRANQAFLPASTF(KCX)IPNSLIALDLGVVKDEHQVFKWDGQ
TRDIATWNRDHNLITAMKYSVVPVYQEFARQIGEARMSKMLHAFDYGNEDISGNVDSFWLDGGIRISATEQISFLRKLYH
NKLHVSERSQRIVKQAMLTEANGDYIIRAKTGYSTRIEPKIGWWVGWVELDDNVWFFAMNMDMPTSDGLGLRQAITKEVL
KQEKIIP
;
_entity_poly.pdbx_strand_id   A,B,C,D
#
loop_
_chem_comp.id
_chem_comp.type
_chem_comp.name
_chem_comp.formula
CL non-polymer 'CHLORIDE ION' 'Cl -1'
JSX non-polymer '3-(4-hydroxyphenyl)benzoic acid' 'C13 H10 O3'
#
# COMPACT_ATOMS: atom_id res chain seq x y z
N GLU A 2 29.65 -10.93 18.04
CA GLU A 2 29.75 -12.02 17.07
C GLU A 2 28.39 -12.62 16.72
N TRP A 3 27.82 -13.36 17.66
CA TRP A 3 26.52 -13.99 17.50
C TRP A 3 25.68 -13.69 18.74
N GLN A 4 24.56 -13.01 18.53
CA GLN A 4 23.68 -12.63 19.62
C GLN A 4 22.27 -13.10 19.32
N GLU A 5 21.62 -13.63 20.36
CA GLU A 5 20.29 -14.21 20.25
C GLU A 5 19.29 -13.27 20.87
N ASN A 6 18.21 -13.00 20.14
CA ASN A 6 17.14 -12.11 20.61
C ASN A 6 15.86 -12.92 20.48
N LYS A 7 15.41 -13.50 21.61
CA LYS A 7 14.22 -14.34 21.60
C LYS A 7 12.95 -13.56 21.33
N SER A 8 12.97 -12.23 21.49
CA SER A 8 11.78 -11.44 21.23
C SER A 8 11.20 -11.75 19.86
N TRP A 9 12.06 -12.04 18.88
CA TRP A 9 11.58 -12.34 17.53
C TRP A 9 10.69 -13.57 17.50
N ASN A 10 10.83 -14.49 18.47
CA ASN A 10 10.00 -15.68 18.49
C ASN A 10 8.52 -15.34 18.42
N ALA A 11 8.15 -14.15 18.94
CA ALA A 11 6.75 -13.72 18.82
C ALA A 11 6.28 -13.80 17.38
N HIS A 12 7.10 -13.35 16.43
CA HIS A 12 6.68 -13.34 15.03
C HIS A 12 6.34 -14.74 14.55
N PHE A 13 6.99 -15.77 15.11
CA PHE A 13 6.60 -17.15 14.82
C PHE A 13 5.44 -17.59 15.71
N THR A 14 5.44 -17.14 16.98
CA THR A 14 4.37 -17.53 17.90
C THR A 14 3.04 -16.90 17.51
N GLU A 15 3.07 -15.64 17.06
CA GLU A 15 1.84 -14.96 16.66
C GLU A 15 1.07 -15.77 15.62
N HIS A 16 1.76 -16.60 14.84
CA HIS A 16 1.12 -17.41 13.81
C HIS A 16 1.10 -18.90 14.17
N LYS A 17 1.35 -19.23 15.43
CA LYS A 17 1.32 -20.62 15.88
C LYS A 17 2.26 -21.48 15.01
N SER A 18 3.44 -20.93 14.73
CA SER A 18 4.41 -21.62 13.89
C SER A 18 5.76 -21.70 14.63
N GLN A 19 6.70 -22.38 13.98
CA GLN A 19 8.04 -22.55 14.53
C GLN A 19 9.06 -22.41 13.42
N GLY A 20 10.16 -21.71 13.73
CA GLY A 20 11.21 -21.52 12.77
C GLY A 20 12.28 -20.59 13.31
N VAL A 21 13.23 -20.28 12.43
CA VAL A 21 14.38 -19.45 12.78
C VAL A 21 14.59 -18.40 11.69
N VAL A 22 14.95 -17.18 12.11
CA VAL A 22 15.46 -16.15 11.22
C VAL A 22 16.89 -15.87 11.64
N VAL A 23 17.81 -15.82 10.68
CA VAL A 23 19.20 -15.51 10.93
C VAL A 23 19.56 -14.30 10.09
N LEU A 24 20.07 -13.26 10.74
CA LEU A 24 20.52 -12.05 10.07
C LEU A 24 22.02 -11.88 10.29
N TRP A 25 22.70 -11.36 9.28
CA TRP A 25 24.13 -11.11 9.35
C TRP A 25 24.42 -9.70 8.84
N ASN A 26 24.97 -8.87 9.71
CA ASN A 26 25.39 -7.53 9.34
C ASN A 26 26.78 -7.60 8.73
N GLU A 27 26.89 -7.27 7.44
CA GLU A 27 28.17 -7.43 6.76
C GLU A 27 29.17 -6.38 7.23
N ASN A 28 28.75 -5.13 7.40
CA ASN A 28 29.67 -4.10 7.87
C ASN A 28 30.23 -4.49 9.24
N LYS A 29 29.36 -4.85 10.17
CA LYS A 29 29.78 -5.14 11.54
C LYS A 29 30.26 -6.57 11.72
N GLN A 30 30.08 -7.43 10.71
CA GLN A 30 30.42 -8.83 10.83
C GLN A 30 29.82 -9.43 12.10
N GLN A 31 28.53 -9.20 12.28
CA GLN A 31 27.79 -9.65 13.44
C GLN A 31 26.53 -10.36 13.00
N GLY A 32 26.22 -11.47 13.66
CA GLY A 32 25.05 -12.24 13.33
C GLY A 32 23.98 -12.12 14.40
N PHE A 33 22.73 -12.35 14.02
CA PHE A 33 21.60 -12.22 14.95
C PHE A 33 20.57 -13.25 14.57
N THR A 34 19.92 -13.83 15.58
CA THR A 34 18.89 -14.84 15.34
C THR A 34 18.02 -14.98 16.57
N ASN A 35 16.84 -15.56 16.36
CA ASN A 35 15.92 -15.84 17.45
C ASN A 35 16.19 -17.17 18.13
N ASN A 36 16.96 -18.06 17.49
CA ASN A 36 17.10 -19.44 17.97
C ASN A 36 18.42 -19.95 17.42
N LEU A 37 19.50 -19.81 18.21
CA LEU A 37 20.82 -20.17 17.72
C LEU A 37 20.93 -21.67 17.50
N LYS A 38 20.12 -22.46 18.22
CA LYS A 38 20.13 -23.90 18.01
C LYS A 38 19.60 -24.26 16.63
N ARG A 39 18.41 -23.77 16.28
CA ARG A 39 17.86 -24.04 14.96
C ARG A 39 18.67 -23.36 13.87
N ALA A 40 19.24 -22.19 14.15
CA ALA A 40 20.07 -21.50 13.16
C ALA A 40 21.13 -22.40 12.56
N ASN A 41 21.62 -23.38 13.33
CA ASN A 41 22.64 -24.29 12.86
C ASN A 41 22.08 -25.68 12.56
N GLN A 42 20.76 -25.84 12.65
CA GLN A 42 20.10 -27.09 12.34
C GLN A 42 20.00 -27.25 10.83
N ALA A 43 20.56 -28.35 10.31
CA ALA A 43 20.67 -28.54 8.87
C ALA A 43 19.43 -29.25 8.31
N PHE A 44 18.88 -28.70 7.23
CA PHE A 44 17.72 -29.25 6.56
C PHE A 44 18.02 -29.44 5.09
N LEU A 45 17.12 -30.15 4.41
CA LEU A 45 17.19 -30.24 2.96
C LEU A 45 17.04 -28.84 2.37
N PRO A 46 17.91 -28.44 1.43
CA PRO A 46 17.80 -27.08 0.88
C PRO A 46 16.61 -26.91 -0.05
N ALA A 47 16.19 -27.98 -0.73
CA ALA A 47 15.07 -27.92 -1.68
C ALA A 47 15.40 -26.85 -2.73
N SER A 48 14.47 -25.95 -3.06
CA SER A 48 14.67 -25.06 -4.21
C SER A 48 15.74 -24.01 -3.98
N THR A 49 16.20 -23.80 -2.73
CA THR A 49 17.35 -22.92 -2.53
C THR A 49 18.58 -23.47 -3.26
N PHE A 50 18.57 -24.75 -3.59
CA PHE A 50 19.69 -25.34 -4.32
C PHE A 50 19.75 -24.81 -5.75
N KCX A 51 18.70 -24.12 -6.20
CA KCX A 51 18.73 -23.46 -7.50
CB KCX A 51 17.49 -22.58 -7.73
CG KCX A 51 16.31 -23.16 -8.52
CD KCX A 51 15.72 -24.41 -7.94
CE KCX A 51 14.37 -24.67 -8.61
NZ KCX A 51 13.55 -25.66 -7.86
C KCX A 51 19.96 -22.59 -7.68
O KCX A 51 20.56 -22.55 -8.75
CX KCX A 51 14.09 -26.69 -7.21
OQ1 KCX A 51 13.37 -27.46 -6.59
OQ2 KCX A 51 15.31 -26.92 -7.28
N ILE A 52 20.32 -21.88 -6.61
CA ILE A 52 21.45 -20.97 -6.65
C ILE A 52 22.73 -21.72 -7.03
N PRO A 53 23.18 -22.67 -6.21
CA PRO A 53 24.39 -23.44 -6.60
C PRO A 53 24.19 -24.21 -7.89
N ASN A 54 23.01 -24.79 -8.09
CA ASN A 54 22.73 -25.49 -9.35
C ASN A 54 22.88 -24.54 -10.53
N SER A 55 22.28 -23.34 -10.44
CA SER A 55 22.44 -22.35 -11.51
C SER A 55 23.91 -22.01 -11.72
N LEU A 56 24.64 -21.78 -10.63
CA LEU A 56 26.06 -21.44 -10.74
C LEU A 56 26.82 -22.53 -11.49
N ILE A 57 26.57 -23.79 -11.14
CA ILE A 57 27.33 -24.90 -11.73
C ILE A 57 26.98 -25.05 -13.21
N ALA A 58 25.68 -24.98 -13.55
CA ALA A 58 25.29 -25.12 -14.94
C ALA A 58 25.92 -24.04 -15.81
N LEU A 59 25.92 -22.80 -15.33
CA LEU A 59 26.48 -21.71 -16.12
C LEU A 59 27.98 -21.89 -16.34
N ASP A 60 28.70 -22.27 -15.27
CA ASP A 60 30.15 -22.34 -15.37
C ASP A 60 30.63 -23.48 -16.26
N LEU A 61 29.82 -24.51 -16.44
CA LEU A 61 30.16 -25.63 -17.31
C LEU A 61 29.55 -25.50 -18.71
N GLY A 62 28.80 -24.43 -18.97
CA GLY A 62 28.18 -24.25 -20.27
C GLY A 62 26.87 -24.96 -20.48
N VAL A 63 26.40 -25.75 -19.51
CA VAL A 63 25.09 -26.37 -19.62
C VAL A 63 24.04 -25.31 -19.91
N VAL A 64 24.12 -24.17 -19.23
CA VAL A 64 23.33 -22.99 -19.53
C VAL A 64 24.29 -21.93 -20.05
N LYS A 65 24.00 -21.39 -21.24
CA LYS A 65 24.93 -20.43 -21.85
C LYS A 65 24.70 -19.02 -21.33
N ASP A 66 23.46 -18.63 -21.09
CA ASP A 66 23.20 -17.30 -20.53
C ASP A 66 21.75 -17.28 -20.05
N GLU A 67 21.35 -16.14 -19.50
CA GLU A 67 20.02 -15.93 -18.94
C GLU A 67 18.94 -15.81 -20.00
N HIS A 68 19.28 -15.81 -21.29
CA HIS A 68 18.29 -15.73 -22.35
C HIS A 68 17.99 -17.08 -23.00
N GLN A 69 18.87 -18.07 -22.82
CA GLN A 69 18.65 -19.38 -23.42
C GLN A 69 17.30 -19.94 -23.00
N VAL A 70 16.55 -20.46 -23.97
N VAL A 70 16.56 -20.47 -23.97
CA VAL A 70 15.23 -21.03 -23.71
CA VAL A 70 15.24 -21.05 -23.73
C VAL A 70 15.39 -22.53 -23.49
C VAL A 70 15.40 -22.54 -23.48
N PHE A 71 14.65 -23.06 -22.52
CA PHE A 71 14.49 -24.44 -22.04
C PHE A 71 13.03 -24.80 -22.28
N LYS A 72 12.79 -25.61 -23.30
CA LYS A 72 11.45 -25.88 -23.76
C LYS A 72 10.69 -26.75 -22.76
N TRP A 73 9.44 -26.37 -22.49
CA TRP A 73 8.55 -27.24 -21.75
C TRP A 73 8.56 -28.64 -22.38
N ASP A 74 8.71 -29.66 -21.54
CA ASP A 74 8.78 -31.03 -22.05
C ASP A 74 7.41 -31.62 -22.36
N GLY A 75 6.36 -30.81 -22.34
CA GLY A 75 5.03 -31.25 -22.71
C GLY A 75 4.29 -32.05 -21.66
N GLN A 76 4.94 -32.38 -20.54
CA GLN A 76 4.25 -33.09 -19.46
C GLN A 76 3.56 -32.06 -18.58
N THR A 77 2.23 -32.13 -18.54
CA THR A 77 1.47 -31.20 -17.71
C THR A 77 1.70 -31.54 -16.24
N ARG A 78 2.05 -30.52 -15.45
CA ARG A 78 2.34 -30.70 -14.04
C ARG A 78 1.37 -29.85 -13.22
N ASP A 79 1.36 -30.13 -11.91
CA ASP A 79 0.34 -29.56 -11.04
C ASP A 79 0.47 -28.05 -10.89
N ILE A 80 1.62 -27.48 -11.23
CA ILE A 80 1.85 -26.05 -11.12
C ILE A 80 1.92 -25.49 -12.55
N ALA A 81 0.91 -24.70 -12.91
CA ALA A 81 0.76 -24.26 -14.29
C ALA A 81 2.00 -23.52 -14.79
N THR A 82 2.54 -22.60 -13.98
N THR A 82 2.54 -22.61 -13.96
CA THR A 82 3.68 -21.81 -14.46
CA THR A 82 3.70 -21.83 -14.37
C THR A 82 4.88 -22.69 -14.82
C THR A 82 4.85 -22.69 -14.85
N TRP A 83 4.89 -23.97 -14.45
CA TRP A 83 5.90 -24.89 -14.92
C TRP A 83 5.62 -25.38 -16.33
N ASN A 84 4.38 -25.26 -16.79
CA ASN A 84 3.96 -25.79 -18.10
C ASN A 84 4.11 -24.73 -19.18
N ARG A 85 5.36 -24.29 -19.39
CA ARG A 85 5.67 -23.31 -20.41
C ARG A 85 7.19 -23.27 -20.57
N ASP A 86 7.62 -22.57 -21.62
CA ASP A 86 9.05 -22.37 -21.86
C ASP A 86 9.62 -21.45 -20.78
N HIS A 87 10.91 -21.61 -20.50
CA HIS A 87 11.56 -20.83 -19.47
C HIS A 87 12.99 -20.50 -19.86
N ASN A 88 13.48 -19.41 -19.28
CA ASN A 88 14.90 -19.10 -19.22
C ASN A 88 15.33 -19.10 -17.76
N LEU A 89 16.62 -18.87 -17.52
CA LEU A 89 17.13 -18.92 -16.15
C LEU A 89 16.36 -17.98 -15.23
N ILE A 90 16.04 -16.78 -15.71
CA ILE A 90 15.35 -15.81 -14.85
C ILE A 90 13.98 -16.32 -14.46
N THR A 91 13.15 -16.70 -15.43
CA THR A 91 11.80 -17.15 -15.12
C THR A 91 11.81 -18.51 -14.44
N ALA A 92 12.78 -19.36 -14.77
CA ALA A 92 12.89 -20.64 -14.09
C ALA A 92 13.12 -20.45 -12.60
N MET A 93 13.99 -19.51 -12.23
N MET A 93 14.01 -19.52 -12.23
CA MET A 93 14.21 -19.23 -10.81
CA MET A 93 14.22 -19.20 -10.82
C MET A 93 13.03 -18.52 -10.19
C MET A 93 12.99 -18.55 -10.21
N LYS A 94 12.34 -17.65 -10.95
CA LYS A 94 11.21 -16.91 -10.41
C LYS A 94 10.09 -17.86 -9.97
N TYR A 95 9.82 -18.89 -10.76
CA TYR A 95 8.69 -19.79 -10.51
C TYR A 95 9.14 -21.14 -9.96
N SER A 96 10.38 -21.26 -9.50
CA SER A 96 10.88 -22.50 -8.91
C SER A 96 10.55 -23.70 -9.79
N VAL A 97 11.04 -23.66 -11.02
CA VAL A 97 10.67 -24.64 -12.04
C VAL A 97 11.60 -25.83 -11.85
N VAL A 98 11.13 -26.81 -11.08
CA VAL A 98 11.96 -27.97 -10.76
C VAL A 98 12.37 -28.72 -12.02
N PRO A 99 11.47 -29.01 -12.97
CA PRO A 99 11.87 -29.85 -14.11
C PRO A 99 13.03 -29.30 -14.91
N VAL A 100 13.16 -27.98 -15.00
CA VAL A 100 14.30 -27.39 -15.71
C VAL A 100 15.60 -27.70 -14.97
N TYR A 101 15.61 -27.53 -13.65
CA TYR A 101 16.84 -27.75 -12.89
C TYR A 101 17.16 -29.23 -12.76
N GLN A 102 16.15 -30.10 -12.84
CA GLN A 102 16.43 -31.52 -12.92
C GLN A 102 17.18 -31.86 -14.20
N GLU A 103 16.84 -31.16 -15.30
CA GLU A 103 17.57 -31.36 -16.55
C GLU A 103 18.98 -30.80 -16.45
N PHE A 104 19.14 -29.63 -15.81
CA PHE A 104 20.48 -29.12 -15.52
C PHE A 104 21.31 -30.18 -14.81
N ALA A 105 20.77 -30.75 -13.73
CA ALA A 105 21.55 -31.66 -12.90
C ALA A 105 22.02 -32.87 -13.69
N ARG A 106 21.12 -33.47 -14.49
CA ARG A 106 21.50 -34.62 -15.29
C ARG A 106 22.64 -34.27 -16.25
N GLN A 107 22.62 -33.07 -16.81
CA GLN A 107 23.70 -32.66 -17.71
C GLN A 107 24.96 -32.30 -16.94
N ILE A 108 24.81 -31.68 -15.77
CA ILE A 108 25.97 -31.45 -14.90
C ILE A 108 26.67 -32.77 -14.62
N GLY A 109 25.91 -33.76 -14.22
CA GLY A 109 26.43 -35.09 -13.92
C GLY A 109 26.74 -35.26 -12.44
N GLU A 110 26.65 -36.51 -12.00
CA GLU A 110 26.86 -36.84 -10.60
C GLU A 110 28.27 -36.44 -10.16
N ALA A 111 29.27 -36.78 -10.96
CA ALA A 111 30.66 -36.50 -10.60
C ALA A 111 30.90 -35.01 -10.42
N ARG A 112 30.57 -34.22 -11.45
CA ARG A 112 30.87 -32.79 -11.40
C ARG A 112 30.06 -32.09 -10.32
N MET A 113 28.81 -32.50 -10.11
CA MET A 113 28.00 -31.89 -9.07
C MET A 113 28.65 -32.02 -7.71
N SER A 114 29.29 -33.17 -7.44
CA SER A 114 29.87 -33.42 -6.12
C SER A 114 31.06 -32.50 -5.87
N LYS A 115 31.98 -32.42 -6.85
CA LYS A 115 33.18 -31.61 -6.68
C LYS A 115 32.83 -30.14 -6.50
N MET A 116 31.84 -29.66 -7.24
N MET A 116 31.83 -29.65 -7.23
CA MET A 116 31.50 -28.23 -7.20
CA MET A 116 31.52 -28.22 -7.20
C MET A 116 30.99 -27.82 -5.83
C MET A 116 30.98 -27.80 -5.83
N LEU A 117 30.17 -28.65 -5.20
CA LEU A 117 29.56 -28.51 -3.88
C LEU A 117 30.62 -28.61 -2.79
N HIS A 118 31.66 -29.42 -3.01
CA HIS A 118 32.82 -29.37 -2.13
C HIS A 118 33.58 -28.06 -2.33
N ALA A 119 33.81 -27.69 -3.60
CA ALA A 119 34.45 -26.41 -3.89
C ALA A 119 33.68 -25.25 -3.26
N PHE A 120 32.35 -25.36 -3.22
CA PHE A 120 31.52 -24.33 -2.61
C PHE A 120 31.46 -24.45 -1.09
N ASP A 121 32.01 -25.51 -0.51
CA ASP A 121 31.88 -25.74 0.93
C ASP A 121 30.42 -25.71 1.34
N TYR A 122 29.58 -26.31 0.50
CA TYR A 122 28.12 -26.16 0.59
C TYR A 122 27.56 -27.27 1.48
N GLY A 123 27.07 -26.88 2.66
CA GLY A 123 26.40 -27.81 3.55
C GLY A 123 27.27 -29.01 3.88
N ASN A 124 26.62 -30.16 4.01
CA ASN A 124 27.35 -31.40 4.24
C ASN A 124 27.98 -31.95 2.97
N GLU A 125 27.77 -31.30 1.83
CA GLU A 125 28.42 -31.69 0.57
C GLU A 125 28.09 -33.12 0.18
N ASP A 126 26.91 -33.60 0.56
CA ASP A 126 26.48 -34.97 0.30
C ASP A 126 25.37 -34.95 -0.74
N ILE A 127 25.64 -35.54 -1.91
CA ILE A 127 24.67 -35.60 -2.99
C ILE A 127 24.03 -36.99 -3.09
N SER A 128 24.05 -37.77 -2.00
CA SER A 128 23.50 -39.12 -2.04
C SER A 128 22.05 -39.08 -2.49
N GLY A 129 21.69 -40.00 -3.37
CA GLY A 129 20.36 -40.02 -3.96
C GLY A 129 20.40 -39.87 -5.46
N ASN A 130 19.26 -39.49 -6.05
CA ASN A 130 19.19 -39.29 -7.49
C ASN A 130 19.86 -37.96 -7.84
N VAL A 131 20.68 -37.97 -8.89
CA VAL A 131 21.40 -36.77 -9.28
C VAL A 131 20.44 -35.63 -9.59
N ASP A 132 19.21 -35.96 -9.97
CA ASP A 132 18.20 -34.97 -10.35
C ASP A 132 17.16 -34.72 -9.26
N SER A 133 17.43 -35.13 -8.01
CA SER A 133 16.46 -34.86 -6.95
C SER A 133 17.06 -34.87 -5.55
N PHE A 134 18.39 -34.96 -5.44
CA PHE A 134 18.99 -35.13 -4.12
C PHE A 134 18.72 -33.95 -3.20
N TRP A 135 18.53 -32.75 -3.75
CA TRP A 135 18.23 -31.59 -2.93
C TRP A 135 16.78 -31.53 -2.47
N LEU A 136 15.94 -32.45 -2.94
CA LEU A 136 14.55 -32.55 -2.50
C LEU A 136 14.28 -33.77 -1.64
N ASP A 137 15.01 -34.87 -1.88
CA ASP A 137 14.77 -36.09 -1.11
C ASP A 137 16.04 -36.94 -0.99
N GLY A 138 17.22 -36.35 -1.15
CA GLY A 138 18.49 -37.04 -1.02
C GLY A 138 19.16 -36.75 0.31
N GLY A 139 20.48 -36.90 0.32
CA GLY A 139 21.26 -36.79 1.53
C GLY A 139 21.84 -35.43 1.84
N ILE A 140 21.65 -34.44 0.98
CA ILE A 140 22.27 -33.14 1.18
C ILE A 140 21.55 -32.39 2.29
N ARG A 141 22.32 -31.69 3.13
CA ARG A 141 21.76 -30.91 4.22
C ARG A 141 22.57 -29.63 4.37
N ILE A 142 21.87 -28.56 4.76
CA ILE A 142 22.49 -27.26 4.96
C ILE A 142 21.69 -26.52 6.03
N SER A 143 22.39 -25.74 6.85
CA SER A 143 21.76 -24.92 7.86
C SER A 143 21.68 -23.47 7.40
N ALA A 144 20.91 -22.68 8.14
CA ALA A 144 20.76 -21.26 7.80
C ALA A 144 22.10 -20.54 7.82
N THR A 145 22.91 -20.76 8.87
CA THR A 145 24.19 -20.09 8.95
C THR A 145 25.12 -20.51 7.81
N GLU A 146 25.02 -21.76 7.36
CA GLU A 146 25.81 -22.20 6.21
C GLU A 146 25.30 -21.56 4.93
N GLN A 147 23.98 -21.40 4.81
CA GLN A 147 23.43 -20.66 3.68
C GLN A 147 24.02 -19.26 3.60
N ILE A 148 24.00 -18.53 4.72
CA ILE A 148 24.53 -17.18 4.75
C ILE A 148 26.01 -17.18 4.37
N SER A 149 26.77 -18.14 4.89
N SER A 149 26.77 -18.14 4.89
CA SER A 149 28.20 -18.20 4.56
CA SER A 149 28.20 -18.20 4.56
C SER A 149 28.41 -18.41 3.07
C SER A 149 28.41 -18.41 3.07
N PHE A 150 27.60 -19.28 2.46
CA PHE A 150 27.68 -19.49 1.02
C PHE A 150 27.29 -18.23 0.26
N LEU A 151 26.20 -17.58 0.68
CA LEU A 151 25.75 -16.37 0.01
C LEU A 151 26.79 -15.26 0.08
N ARG A 152 27.50 -15.17 1.21
CA ARG A 152 28.51 -14.12 1.35
C ARG A 152 29.60 -14.26 0.28
N LYS A 153 30.08 -15.48 0.03
CA LYS A 153 31.03 -15.66 -1.08
C LYS A 153 30.41 -15.23 -2.40
N LEU A 154 29.16 -15.63 -2.65
CA LEU A 154 28.53 -15.28 -3.93
C LEU A 154 28.47 -13.77 -4.11
N TYR A 155 28.00 -13.06 -3.08
CA TYR A 155 27.95 -11.60 -3.16
C TYR A 155 29.31 -11.03 -3.51
N HIS A 156 30.36 -11.53 -2.87
CA HIS A 156 31.72 -11.03 -3.07
C HIS A 156 32.44 -11.73 -4.22
N ASN A 157 31.73 -12.52 -5.03
CA ASN A 157 32.31 -13.20 -6.19
C ASN A 157 33.49 -14.10 -5.82
N LYS A 158 33.45 -14.72 -4.64
CA LYS A 158 34.55 -15.54 -4.17
C LYS A 158 34.35 -17.04 -4.36
N LEU A 159 33.18 -17.47 -4.83
CA LEU A 159 33.02 -18.87 -5.16
C LEU A 159 33.93 -19.24 -6.33
N HIS A 160 34.31 -20.51 -6.41
CA HIS A 160 35.27 -20.95 -7.42
C HIS A 160 34.57 -21.28 -8.73
N VAL A 161 33.92 -20.23 -9.26
CA VAL A 161 33.35 -20.21 -10.60
C VAL A 161 33.58 -18.81 -11.14
N SER A 162 33.44 -18.66 -12.45
CA SER A 162 33.74 -17.39 -13.07
C SER A 162 32.91 -16.28 -12.44
N GLU A 163 33.47 -15.06 -12.46
CA GLU A 163 32.70 -13.90 -11.99
C GLU A 163 31.40 -13.78 -12.78
N ARG A 164 31.45 -14.08 -14.08
CA ARG A 164 30.26 -13.97 -14.92
C ARG A 164 29.14 -14.86 -14.40
N SER A 165 29.43 -16.13 -14.14
CA SER A 165 28.40 -17.03 -13.64
C SER A 165 27.78 -16.50 -12.36
N GLN A 166 28.60 -15.95 -11.46
CA GLN A 166 28.08 -15.45 -10.20
C GLN A 166 27.24 -14.19 -10.41
N ARG A 167 27.68 -13.30 -11.31
CA ARG A 167 26.89 -12.13 -11.63
C ARG A 167 25.53 -12.51 -12.20
N ILE A 168 25.52 -13.46 -13.14
CA ILE A 168 24.26 -13.87 -13.78
C ILE A 168 23.28 -14.41 -12.75
N VAL A 169 23.76 -15.27 -11.84
CA VAL A 169 22.86 -15.84 -10.83
C VAL A 169 22.30 -14.76 -9.94
N LYS A 170 23.14 -13.82 -9.50
CA LYS A 170 22.66 -12.73 -8.66
C LYS A 170 21.61 -11.91 -9.39
N GLN A 171 21.73 -11.79 -10.71
CA GLN A 171 20.67 -11.19 -11.51
C GLN A 171 19.39 -12.02 -11.41
N ALA A 172 19.52 -13.35 -11.57
CA ALA A 172 18.36 -14.22 -11.47
C ALA A 172 17.77 -14.22 -10.07
N MET A 173 18.57 -13.95 -9.04
CA MET A 173 18.06 -13.91 -7.68
C MET A 173 17.25 -12.66 -7.38
N LEU A 174 17.31 -11.64 -8.23
CA LEU A 174 16.58 -10.40 -7.99
C LEU A 174 15.10 -10.68 -7.73
N THR A 175 14.62 -10.19 -6.59
CA THR A 175 13.24 -10.43 -6.15
C THR A 175 12.46 -9.15 -5.99
N GLU A 176 13.04 -8.13 -5.35
CA GLU A 176 12.33 -6.89 -5.08
C GLU A 176 13.34 -5.75 -5.09
N ALA A 177 12.92 -4.62 -5.65
CA ALA A 177 13.78 -3.44 -5.70
C ALA A 177 12.90 -2.20 -5.69
N ASN A 178 13.25 -1.25 -4.83
CA ASN A 178 12.57 0.04 -4.77
C ASN A 178 13.60 1.10 -4.40
N GLY A 179 13.13 2.28 -4.03
CA GLY A 179 14.03 3.34 -3.64
C GLY A 179 14.76 3.11 -2.34
N ASP A 180 14.33 2.12 -1.56
CA ASP A 180 14.89 1.91 -0.23
C ASP A 180 15.82 0.70 -0.12
N TYR A 181 15.57 -0.37 -0.87
CA TYR A 181 16.40 -1.56 -0.74
C TYR A 181 16.26 -2.43 -1.98
N ILE A 182 17.17 -3.40 -2.08
CA ILE A 182 17.13 -4.44 -3.10
C ILE A 182 17.26 -5.78 -2.39
N ILE A 183 16.37 -6.72 -2.70
CA ILE A 183 16.44 -8.08 -2.17
C ILE A 183 16.80 -9.02 -3.30
N ARG A 184 17.88 -9.78 -3.10
CA ARG A 184 18.23 -10.90 -3.97
C ARG A 184 18.16 -12.15 -3.10
N ALA A 185 17.26 -13.06 -3.44
CA ALA A 185 16.97 -14.18 -2.55
C ALA A 185 16.37 -15.32 -3.36
N LYS A 186 16.20 -16.46 -2.68
CA LYS A 186 15.59 -17.64 -3.27
C LYS A 186 14.74 -18.34 -2.22
N THR A 187 13.55 -18.78 -2.64
CA THR A 187 12.64 -19.49 -1.76
C THR A 187 12.88 -20.99 -1.82
N GLY A 188 12.35 -21.70 -0.82
CA GLY A 188 12.45 -23.14 -0.78
C GLY A 188 11.28 -23.77 -0.04
N TYR A 189 10.83 -24.92 -0.50
CA TYR A 189 9.70 -25.63 0.10
C TYR A 189 10.02 -27.11 0.05
N SER A 190 10.34 -27.70 1.20
CA SER A 190 10.73 -29.09 1.29
C SER A 190 9.56 -29.91 1.83
N THR A 191 9.05 -30.82 1.01
CA THR A 191 7.89 -31.63 1.35
C THR A 191 8.12 -33.13 1.22
N ARG A 192 9.18 -33.57 0.53
CA ARG A 192 9.33 -34.98 0.22
C ARG A 192 9.80 -35.79 1.42
N ILE A 193 10.37 -35.14 2.43
CA ILE A 193 10.87 -35.82 3.63
C ILE A 193 10.58 -34.93 4.82
N GLU A 194 10.19 -35.55 5.93
CA GLU A 194 9.88 -34.80 7.13
C GLU A 194 11.16 -34.28 7.79
N PRO A 195 11.09 -33.14 8.49
CA PRO A 195 9.91 -32.28 8.65
C PRO A 195 9.69 -31.34 7.46
N LYS A 196 8.44 -31.09 7.11
CA LYS A 196 8.15 -30.12 6.06
C LYS A 196 8.49 -28.71 6.52
N ILE A 197 9.29 -28.01 5.71
CA ILE A 197 9.79 -26.68 6.06
C ILE A 197 9.73 -25.78 4.84
N GLY A 198 9.73 -24.47 5.11
CA GLY A 198 9.91 -23.46 4.08
C GLY A 198 11.23 -22.74 4.30
N TRP A 199 11.90 -22.38 3.21
CA TRP A 199 13.13 -21.60 3.24
C TRP A 199 12.88 -20.21 2.66
N TRP A 200 13.67 -19.24 3.12
CA TRP A 200 13.93 -18.03 2.34
C TRP A 200 15.32 -17.54 2.70
N VAL A 201 16.20 -17.49 1.71
CA VAL A 201 17.60 -17.10 1.92
C VAL A 201 17.97 -16.06 0.89
N GLY A 202 18.83 -15.13 1.30
CA GLY A 202 19.33 -14.11 0.40
C GLY A 202 19.98 -12.96 1.15
N TRP A 203 19.78 -11.74 0.66
CA TRP A 203 20.34 -10.58 1.35
C TRP A 203 19.57 -9.34 0.93
N VAL A 204 19.65 -8.32 1.77
CA VAL A 204 19.04 -7.02 1.52
C VAL A 204 20.16 -6.01 1.30
N GLU A 205 20.23 -5.45 0.09
CA GLU A 205 21.22 -4.43 -0.22
C GLU A 205 20.69 -3.07 0.19
N LEU A 206 21.47 -2.35 0.99
CA LEU A 206 21.19 -0.97 1.32
C LEU A 206 22.28 -0.07 0.74
N ASP A 207 22.04 1.24 0.81
CA ASP A 207 23.00 2.20 0.28
C ASP A 207 24.40 1.94 0.79
N ASP A 208 24.53 1.65 2.09
CA ASP A 208 25.84 1.59 2.73
C ASP A 208 26.05 0.31 3.53
N ASN A 209 25.23 -0.72 3.32
CA ASN A 209 25.39 -1.96 4.04
C ASN A 209 24.58 -3.05 3.35
N VAL A 210 24.91 -4.30 3.69
CA VAL A 210 24.17 -5.47 3.22
C VAL A 210 23.96 -6.38 4.42
N TRP A 211 22.72 -6.79 4.65
CA TRP A 211 22.14 -7.70 5.64
C TRP A 211 21.82 -9.00 4.91
N PHE A 212 22.66 -10.01 5.14
CA PHE A 212 22.36 -11.35 4.65
C PHE A 212 21.37 -12.01 5.60
N PHE A 213 20.43 -12.76 5.03
CA PHE A 213 19.44 -13.43 5.85
C PHE A 213 19.25 -14.86 5.38
N ALA A 214 18.76 -15.69 6.30
CA ALA A 214 18.44 -17.08 6.03
C ALA A 214 17.41 -17.50 7.05
N MET A 215 16.24 -17.91 6.59
CA MET A 215 15.16 -18.30 7.48
C MET A 215 14.56 -19.62 7.00
N ASN A 216 14.12 -20.43 7.96
CA ASN A 216 13.26 -21.55 7.66
C ASN A 216 12.23 -21.69 8.77
N MET A 217 11.17 -22.43 8.47
CA MET A 217 10.06 -22.59 9.39
C MET A 217 9.32 -23.85 9.00
N ASP A 218 8.69 -24.48 9.99
CA ASP A 218 7.89 -25.66 9.72
C ASP A 218 6.74 -25.28 8.80
N MET A 219 6.43 -26.16 7.85
CA MET A 219 5.45 -25.88 6.81
C MET A 219 4.58 -27.10 6.58
N PRO A 220 3.63 -27.37 7.48
CA PRO A 220 2.74 -28.52 7.29
C PRO A 220 1.88 -28.43 6.04
N THR A 221 1.33 -27.25 5.74
CA THR A 221 0.48 -27.05 4.59
C THR A 221 1.00 -25.90 3.74
N SER A 222 0.59 -25.89 2.47
CA SER A 222 0.98 -24.82 1.55
C SER A 222 0.32 -23.47 1.88
N ASP A 223 -0.62 -23.44 2.82
CA ASP A 223 -1.31 -22.18 3.14
C ASP A 223 -0.37 -21.15 3.77
N GLY A 224 0.75 -21.58 4.34
CA GLY A 224 1.62 -20.67 5.05
C GLY A 224 2.90 -20.33 4.31
N LEU A 225 2.92 -20.56 3.00
CA LEU A 225 4.14 -20.30 2.24
C LEU A 225 4.49 -18.82 2.24
N GLY A 226 3.49 -17.94 2.31
CA GLY A 226 3.75 -16.52 2.34
C GLY A 226 4.38 -16.03 3.63
N LEU A 227 4.30 -16.82 4.69
CA LEU A 227 4.92 -16.43 5.95
C LEU A 227 6.45 -16.45 5.87
N ARG A 228 7.01 -17.16 4.89
CA ARG A 228 8.46 -17.14 4.72
C ARG A 228 8.97 -15.71 4.53
N GLN A 229 8.37 -14.97 3.59
CA GLN A 229 8.79 -13.59 3.38
C GLN A 229 8.15 -12.65 4.40
N ALA A 230 6.91 -12.91 4.78
CA ALA A 230 6.21 -11.99 5.68
C ALA A 230 6.87 -11.94 7.05
N ILE A 231 7.29 -13.09 7.57
CA ILE A 231 7.94 -13.11 8.88
C ILE A 231 9.32 -12.48 8.79
N THR A 232 10.09 -12.84 7.77
CA THR A 232 11.40 -12.23 7.57
C THR A 232 11.30 -10.72 7.51
N LYS A 233 10.32 -10.19 6.75
CA LYS A 233 10.18 -8.76 6.61
C LYS A 233 9.73 -8.09 7.90
N GLU A 234 8.89 -8.77 8.69
CA GLU A 234 8.50 -8.20 9.98
C GLU A 234 9.72 -8.03 10.87
N VAL A 235 10.67 -8.97 10.80
CA VAL A 235 11.90 -8.85 11.58
C VAL A 235 12.75 -7.71 11.04
N LEU A 236 12.90 -7.62 9.72
CA LEU A 236 13.70 -6.53 9.14
C LEU A 236 13.14 -5.18 9.53
N LYS A 237 11.81 -5.06 9.60
CA LYS A 237 11.20 -3.80 10.02
C LYS A 237 11.48 -3.52 11.49
N GLN A 238 11.29 -4.52 12.35
CA GLN A 238 11.55 -4.35 13.77
C GLN A 238 12.95 -3.81 14.02
N GLU A 239 13.94 -4.36 13.33
CA GLU A 239 15.32 -3.91 13.47
C GLU A 239 15.63 -2.68 12.62
N LYS A 240 14.62 -2.01 12.09
CA LYS A 240 14.83 -0.78 11.31
C LYS A 240 15.81 -1.00 10.16
N ILE A 241 15.85 -2.23 9.65
CA ILE A 241 16.66 -2.50 8.46
C ILE A 241 15.92 -2.06 7.22
N ILE A 242 14.60 -2.22 7.21
CA ILE A 242 13.74 -1.66 6.17
C ILE A 242 12.61 -0.89 6.85
N PRO A 243 12.01 0.07 6.15
CA PRO A 243 10.87 0.77 6.76
C PRO A 243 9.59 -0.06 6.69
N GLU B 2 -7.42 0.48 39.84
CA GLU B 2 -7.90 0.47 38.46
C GLU B 2 -9.41 0.15 38.43
N TRP B 3 -9.76 -1.04 37.96
CA TRP B 3 -11.15 -1.51 37.89
C TRP B 3 -11.95 -1.10 39.12
N GLN B 4 -13.18 -0.61 38.88
CA GLN B 4 -14.07 -0.17 39.95
C GLN B 4 -15.46 -0.74 39.71
N GLU B 5 -16.13 -1.18 40.79
CA GLU B 5 -17.45 -1.78 40.69
C GLU B 5 -18.50 -0.82 41.22
N ASN B 6 -19.58 -0.62 40.45
CA ASN B 6 -20.67 0.28 40.84
C ASN B 6 -21.98 -0.48 40.72
N LYS B 7 -22.50 -0.96 41.86
CA LYS B 7 -23.73 -1.74 41.85
C LYS B 7 -24.95 -0.91 41.49
N SER B 8 -24.89 0.41 41.60
CA SER B 8 -26.05 1.24 41.27
C SER B 8 -26.62 0.92 39.90
N TRP B 9 -25.75 0.56 38.95
CA TRP B 9 -26.21 0.22 37.60
C TRP B 9 -27.14 -0.99 37.60
N ASN B 10 -27.03 -1.85 38.61
CA ASN B 10 -27.88 -3.04 38.67
C ASN B 10 -29.35 -2.70 38.56
N ALA B 11 -29.75 -1.51 39.03
CA ALA B 11 -31.13 -1.08 38.88
C ALA B 11 -31.59 -1.17 37.43
N HIS B 12 -30.76 -0.71 36.50
CA HIS B 12 -31.14 -0.70 35.10
C HIS B 12 -31.50 -2.09 34.60
N PHE B 13 -30.90 -3.13 35.18
CA PHE B 13 -31.32 -4.49 34.83
C PHE B 13 -32.56 -4.92 35.60
N THR B 14 -32.66 -4.56 36.88
CA THR B 14 -33.82 -4.98 37.66
C THR B 14 -35.08 -4.25 37.22
N GLU B 15 -34.97 -2.96 36.86
CA GLU B 15 -36.13 -2.23 36.38
C GLU B 15 -36.79 -2.98 35.22
N HIS B 16 -36.01 -3.77 34.50
CA HIS B 16 -36.54 -4.58 33.40
C HIS B 16 -36.57 -6.06 33.76
N LYS B 17 -36.43 -6.39 35.04
CA LYS B 17 -36.51 -7.78 35.47
C LYS B 17 -35.53 -8.62 34.66
N SER B 18 -34.30 -8.11 34.54
CA SER B 18 -33.27 -8.72 33.72
C SER B 18 -32.03 -8.99 34.57
N GLN B 19 -31.06 -9.66 33.95
CA GLN B 19 -29.78 -9.95 34.56
C GLN B 19 -28.69 -9.80 33.50
N GLY B 20 -27.59 -9.16 33.87
CA GLY B 20 -26.50 -8.98 32.95
C GLY B 20 -25.44 -8.08 33.55
N VAL B 21 -24.44 -7.78 32.72
CA VAL B 21 -23.31 -6.97 33.13
C VAL B 21 -23.05 -5.92 32.07
N VAL B 22 -22.69 -4.71 32.52
CA VAL B 22 -22.16 -3.67 31.65
C VAL B 22 -20.73 -3.40 32.09
N VAL B 23 -19.81 -3.34 31.12
CA VAL B 23 -18.41 -3.02 31.37
C VAL B 23 -18.05 -1.79 30.56
N LEU B 24 -17.54 -0.77 31.23
CA LEU B 24 -17.06 0.44 30.58
C LEU B 24 -15.56 0.57 30.81
N TRP B 25 -14.86 1.10 29.81
CA TRP B 25 -13.44 1.36 29.90
C TRP B 25 -13.14 2.77 29.39
N ASN B 26 -12.63 3.60 30.28
CA ASN B 26 -12.22 4.96 29.92
C ASN B 26 -10.80 4.89 29.35
N GLU B 27 -10.67 5.23 28.07
CA GLU B 27 -9.38 5.08 27.39
C GLU B 27 -8.37 6.10 27.88
N ASN B 28 -8.79 7.35 28.07
CA ASN B 28 -7.88 8.39 28.56
C ASN B 28 -7.35 8.02 29.93
N LYS B 29 -8.24 7.63 30.84
CA LYS B 29 -7.86 7.32 32.21
C LYS B 29 -7.28 5.93 32.37
N GLN B 30 -7.39 5.08 31.35
CA GLN B 30 -7.00 3.68 31.45
C GLN B 30 -7.63 3.08 32.71
N GLN B 31 -8.93 3.30 32.87
CA GLN B 31 -9.68 2.90 34.04
C GLN B 31 -10.95 2.18 33.60
N GLY B 32 -11.27 1.08 34.29
CA GLY B 32 -12.44 0.29 33.98
C GLY B 32 -13.55 0.41 35.00
N PHE B 33 -14.78 0.14 34.59
CA PHE B 33 -15.94 0.25 35.47
C PHE B 33 -16.96 -0.80 35.07
N THR B 34 -17.64 -1.38 36.06
CA THR B 34 -18.66 -2.37 35.78
C THR B 34 -19.59 -2.50 36.99
N ASN B 35 -20.77 -3.06 36.75
CA ASN B 35 -21.72 -3.33 37.81
C ASN B 35 -21.50 -4.67 38.49
N ASN B 36 -20.73 -5.56 37.87
CA ASN B 36 -20.64 -6.95 38.33
C ASN B 36 -19.29 -7.47 37.82
N LEU B 37 -18.25 -7.34 38.66
CA LEU B 37 -16.91 -7.66 38.22
C LEU B 37 -16.75 -9.15 37.94
N LYS B 38 -17.51 -10.01 38.61
CA LYS B 38 -17.41 -11.43 38.36
C LYS B 38 -17.96 -11.78 36.98
N ARG B 39 -19.19 -11.35 36.69
CA ARG B 39 -19.75 -11.62 35.37
C ARG B 39 -18.95 -10.92 34.28
N ALA B 40 -18.38 -9.75 34.58
CA ALA B 40 -17.53 -9.06 33.62
C ALA B 40 -16.45 -9.98 33.07
N ASN B 41 -16.01 -10.96 33.87
CA ASN B 41 -14.97 -11.89 33.44
C ASN B 41 -15.51 -13.26 33.09
N GLN B 42 -16.83 -13.45 33.10
CA GLN B 42 -17.43 -14.72 32.71
C GLN B 42 -17.41 -14.84 31.19
N ALA B 43 -16.80 -15.91 30.69
CA ALA B 43 -16.63 -16.09 29.25
C ALA B 43 -17.84 -16.81 28.68
N PHE B 44 -18.39 -16.27 27.59
CA PHE B 44 -19.55 -16.82 26.92
C PHE B 44 -19.24 -17.03 25.45
N LEU B 45 -20.15 -17.72 24.77
CA LEU B 45 -20.10 -17.81 23.33
C LEU B 45 -20.20 -16.40 22.75
N PRO B 46 -19.32 -16.02 21.81
CA PRO B 46 -19.41 -14.65 21.26
C PRO B 46 -20.61 -14.46 20.35
N ALA B 47 -21.07 -15.51 19.69
CA ALA B 47 -22.23 -15.46 18.78
C ALA B 47 -21.93 -14.41 17.71
N SER B 48 -22.86 -13.52 17.38
CA SER B 48 -22.69 -12.63 16.24
C SER B 48 -21.64 -11.56 16.47
N THR B 49 -21.21 -11.31 17.72
CA THR B 49 -20.10 -10.42 17.93
C THR B 49 -18.83 -10.93 17.28
N PHE B 50 -18.77 -12.22 16.98
CA PHE B 50 -17.63 -12.82 16.30
C PHE B 50 -17.55 -12.37 14.84
N KCX B 51 -18.56 -11.64 14.40
CA KCX B 51 -18.58 -11.17 13.03
CB KCX B 51 -19.95 -10.56 12.69
CG KCX B 51 -20.95 -11.63 12.30
CD KCX B 51 -22.28 -11.07 11.82
CE KCX B 51 -23.13 -12.19 11.26
NZ KCX B 51 -23.66 -13.00 12.40
C KCX B 51 -17.47 -10.15 12.81
O KCX B 51 -17.01 -9.95 11.69
CX KCX B 51 -23.11 -14.15 12.78
OQ1 KCX B 51 -23.58 -14.79 13.73
OQ2 KCX B 51 -22.11 -14.59 12.17
N ILE B 52 -17.03 -9.52 13.89
CA ILE B 52 -15.94 -8.55 13.83
C ILE B 52 -14.63 -9.25 13.45
N PRO B 53 -14.14 -10.17 14.28
CA PRO B 53 -12.91 -10.89 13.89
C PRO B 53 -13.08 -11.67 12.60
N ASN B 54 -14.25 -12.28 12.38
CA ASN B 54 -14.49 -12.96 11.12
C ASN B 54 -14.31 -12.00 9.94
N SER B 55 -14.91 -10.82 10.04
CA SER B 55 -14.75 -9.81 8.99
C SER B 55 -13.27 -9.48 8.79
N LEU B 56 -12.55 -9.25 9.88
CA LEU B 56 -11.13 -8.92 9.79
C LEU B 56 -10.36 -10.00 9.06
N ILE B 57 -10.62 -11.26 9.40
CA ILE B 57 -9.86 -12.36 8.81
C ILE B 57 -10.20 -12.52 7.34
N ALA B 58 -11.49 -12.46 6.99
CA ALA B 58 -11.89 -12.61 5.60
C ALA B 58 -11.23 -11.55 4.72
N LEU B 59 -11.25 -10.30 5.18
CA LEU B 59 -10.65 -9.21 4.41
C LEU B 59 -9.15 -9.39 4.26
N ASP B 60 -8.47 -9.74 5.34
CA ASP B 60 -7.02 -9.82 5.31
C ASP B 60 -6.50 -10.98 4.48
N LEU B 61 -7.30 -12.04 4.30
CA LEU B 61 -6.92 -13.16 3.47
C LEU B 61 -7.45 -13.05 2.05
N GLY B 62 -8.19 -11.99 1.74
CA GLY B 62 -8.75 -11.81 0.42
C GLY B 62 -10.07 -12.51 0.19
N VAL B 63 -10.58 -13.27 1.16
CA VAL B 63 -11.89 -13.89 1.02
C VAL B 63 -12.94 -12.85 0.66
N VAL B 64 -12.87 -11.69 1.32
CA VAL B 64 -13.68 -10.52 0.97
C VAL B 64 -12.73 -9.45 0.43
N LYS B 65 -13.03 -8.93 -0.76
CA LYS B 65 -12.13 -7.98 -1.41
C LYS B 65 -12.35 -6.56 -0.92
N ASP B 66 -13.59 -6.16 -0.67
CA ASP B 66 -13.87 -4.83 -0.13
C ASP B 66 -15.31 -4.78 0.36
N GLU B 67 -15.69 -3.63 0.92
CA GLU B 67 -17.01 -3.42 1.50
C GLU B 67 -18.11 -3.29 0.46
N HIS B 68 -17.77 -3.29 -0.84
CA HIS B 68 -18.76 -3.21 -1.89
C HIS B 68 -19.06 -4.55 -2.53
N GLN B 69 -18.18 -5.54 -2.35
CA GLN B 69 -18.39 -6.84 -2.94
C GLN B 69 -19.75 -7.41 -2.51
N VAL B 70 -20.42 -8.07 -3.45
CA VAL B 70 -21.77 -8.56 -3.23
C VAL B 70 -21.72 -10.06 -2.96
N PHE B 71 -22.57 -10.51 -2.06
CA PHE B 71 -22.71 -11.92 -1.69
C PHE B 71 -24.16 -12.32 -1.90
N LYS B 72 -24.38 -13.11 -2.95
CA LYS B 72 -25.74 -13.40 -3.40
C LYS B 72 -26.45 -14.30 -2.41
N TRP B 73 -27.70 -13.96 -2.11
CA TRP B 73 -28.57 -14.87 -1.39
C TRP B 73 -28.56 -16.24 -2.04
N ASP B 74 -28.40 -17.28 -1.23
CA ASP B 74 -28.34 -18.65 -1.75
C ASP B 74 -29.71 -19.23 -2.05
N GLY B 75 -30.77 -18.41 -2.01
CA GLY B 75 -32.10 -18.85 -2.37
C GLY B 75 -32.84 -19.65 -1.32
N GLN B 76 -32.19 -20.00 -0.21
CA GLN B 76 -32.86 -20.73 0.86
C GLN B 76 -33.55 -19.72 1.79
N THR B 77 -34.88 -19.79 1.85
CA THR B 77 -35.63 -18.89 2.70
C THR B 77 -35.40 -19.25 4.17
N ARG B 78 -35.06 -18.25 4.98
CA ARG B 78 -34.80 -18.42 6.40
C ARG B 78 -35.76 -17.55 7.20
N ASP B 79 -35.79 -17.80 8.51
CA ASP B 79 -36.80 -17.18 9.36
C ASP B 79 -36.64 -15.67 9.45
N ILE B 80 -35.49 -15.14 9.07
CA ILE B 80 -35.21 -13.71 9.16
C ILE B 80 -35.23 -13.13 7.75
N ALA B 81 -36.25 -12.31 7.48
CA ALA B 81 -36.47 -11.82 6.12
C ALA B 81 -35.25 -11.12 5.55
N THR B 82 -34.67 -10.19 6.32
N THR B 82 -34.67 -10.20 6.33
CA THR B 82 -33.55 -9.40 5.81
CA THR B 82 -33.54 -9.41 5.83
C THR B 82 -32.36 -10.27 5.41
C THR B 82 -32.36 -10.27 5.41
N TRP B 83 -32.32 -11.53 5.82
CA TRP B 83 -31.25 -12.43 5.40
C TRP B 83 -31.45 -12.98 4.00
N ASN B 84 -32.67 -12.94 3.48
CA ASN B 84 -32.99 -13.59 2.20
C ASN B 84 -32.84 -12.61 1.03
N ARG B 85 -31.64 -12.08 0.87
CA ARG B 85 -31.34 -11.20 -0.26
C ARG B 85 -29.84 -10.93 -0.28
N ASP B 86 -29.39 -10.28 -1.35
CA ASP B 86 -27.98 -10.00 -1.51
C ASP B 86 -27.48 -9.04 -0.44
N HIS B 87 -26.20 -9.18 -0.10
CA HIS B 87 -25.58 -8.37 0.94
C HIS B 87 -24.14 -8.06 0.57
N ASN B 88 -23.65 -6.97 1.14
CA ASN B 88 -22.23 -6.68 1.20
C ASN B 88 -21.81 -6.67 2.67
N LEU B 89 -20.51 -6.45 2.91
CA LEU B 89 -20.01 -6.48 4.27
C LEU B 89 -20.78 -5.55 5.19
N ILE B 90 -21.11 -4.35 4.70
CA ILE B 90 -21.78 -3.36 5.55
C ILE B 90 -23.16 -3.87 5.96
N THR B 91 -23.98 -4.28 4.99
CA THR B 91 -25.33 -4.73 5.30
C THR B 91 -25.32 -6.07 6.01
N ALA B 92 -24.35 -6.94 5.69
CA ALA B 92 -24.24 -8.22 6.40
C ALA B 92 -24.01 -8.00 7.89
N MET B 93 -23.11 -7.08 8.23
N MET B 93 -23.10 -7.08 8.24
CA MET B 93 -22.90 -6.75 9.64
CA MET B 93 -22.90 -6.73 9.64
C MET B 93 -24.12 -6.05 10.23
C MET B 93 -24.14 -6.06 10.22
N LYS B 94 -24.74 -5.14 9.46
CA LYS B 94 -25.88 -4.40 9.96
C LYS B 94 -27.02 -5.34 10.35
N TYR B 95 -27.27 -6.38 9.57
CA TYR B 95 -28.37 -7.30 9.80
C TYR B 95 -27.92 -8.64 10.37
N SER B 96 -26.65 -8.74 10.78
CA SER B 96 -26.12 -9.96 11.38
C SER B 96 -26.52 -11.19 10.57
N VAL B 97 -26.13 -11.19 9.31
CA VAL B 97 -26.57 -12.20 8.35
C VAL B 97 -25.62 -13.39 8.49
N VAL B 98 -26.03 -14.38 9.29
CA VAL B 98 -25.16 -15.51 9.60
C VAL B 98 -24.72 -16.27 8.35
N PRO B 99 -25.61 -16.64 7.42
CA PRO B 99 -25.16 -17.50 6.30
C PRO B 99 -24.04 -16.89 5.48
N VAL B 100 -23.96 -15.56 5.38
CA VAL B 100 -22.84 -14.95 4.66
C VAL B 100 -21.54 -15.22 5.39
N TYR B 101 -21.53 -15.04 6.70
CA TYR B 101 -20.32 -15.26 7.47
C TYR B 101 -19.99 -16.74 7.60
N GLN B 102 -21.00 -17.61 7.52
CA GLN B 102 -20.71 -19.04 7.46
C GLN B 102 -19.94 -19.38 6.19
N GLU B 103 -20.26 -18.71 5.08
CA GLU B 103 -19.49 -18.93 3.85
C GLU B 103 -18.08 -18.37 3.99
N PHE B 104 -17.94 -17.19 4.61
CA PHE B 104 -16.61 -16.67 4.93
C PHE B 104 -15.81 -17.72 5.69
N ALA B 105 -16.37 -18.25 6.78
CA ALA B 105 -15.64 -19.16 7.64
C ALA B 105 -15.16 -20.40 6.89
N ARG B 106 -16.06 -20.99 6.09
CA ARG B 106 -15.67 -22.17 5.32
C ARG B 106 -14.52 -21.84 4.38
N GLN B 107 -14.52 -20.64 3.79
CA GLN B 107 -13.43 -20.26 2.90
C GLN B 107 -12.18 -19.90 3.69
N ILE B 108 -12.34 -19.28 4.85
CA ILE B 108 -11.20 -19.06 5.73
C ILE B 108 -10.55 -20.40 6.07
N GLY B 109 -11.34 -21.36 6.51
CA GLY B 109 -10.81 -22.67 6.82
C GLY B 109 -10.42 -22.79 8.29
N GLU B 110 -10.44 -24.04 8.76
CA GLU B 110 -10.12 -24.35 10.16
C GLU B 110 -8.74 -23.84 10.52
N ALA B 111 -7.74 -24.15 9.67
CA ALA B 111 -6.35 -23.83 9.99
C ALA B 111 -6.17 -22.32 10.19
N ARG B 112 -6.52 -21.54 9.16
CA ARG B 112 -6.25 -20.10 9.21
C ARG B 112 -7.10 -19.42 10.27
N MET B 113 -8.34 -19.86 10.44
CA MET B 113 -9.17 -19.30 11.50
C MET B 113 -8.52 -19.49 12.86
N SER B 114 -7.89 -20.65 13.08
CA SER B 114 -7.28 -20.95 14.36
C SER B 114 -6.06 -20.08 14.62
N LYS B 115 -5.15 -19.98 13.63
CA LYS B 115 -3.96 -19.16 13.82
C LYS B 115 -4.29 -17.71 14.10
N MET B 116 -5.26 -17.16 13.36
N MET B 116 -5.25 -17.15 13.36
CA MET B 116 -5.53 -15.73 13.45
CA MET B 116 -5.50 -15.71 13.47
C MET B 116 -6.25 -15.36 14.75
C MET B 116 -6.28 -15.34 14.73
N LEU B 117 -7.06 -16.27 15.29
CA LEU B 117 -7.66 -15.99 16.59
C LEU B 117 -6.62 -16.02 17.69
N HIS B 118 -5.57 -16.83 17.53
CA HIS B 118 -4.42 -16.73 18.41
C HIS B 118 -3.71 -15.40 18.23
N ALA B 119 -3.47 -15.00 16.99
CA ALA B 119 -2.86 -13.70 16.72
C ALA B 119 -3.66 -12.59 17.37
N PHE B 120 -4.98 -12.73 17.39
CA PHE B 120 -5.85 -11.74 18.02
C PHE B 120 -5.93 -11.88 19.53
N ASP B 121 -5.38 -12.96 20.10
CA ASP B 121 -5.51 -13.22 21.53
C ASP B 121 -6.98 -13.19 21.94
N TYR B 122 -7.82 -13.77 21.08
CA TYR B 122 -9.27 -13.62 21.17
C TYR B 122 -9.84 -14.73 22.06
N GLY B 123 -10.34 -14.35 23.24
CA GLY B 123 -11.00 -15.31 24.11
C GLY B 123 -10.11 -16.50 24.44
N ASN B 124 -10.73 -17.67 24.55
CA ASN B 124 -9.98 -18.90 24.78
C ASN B 124 -9.32 -19.43 23.51
N GLU B 125 -9.53 -18.78 22.37
CA GLU B 125 -8.86 -19.14 21.12
C GLU B 125 -9.18 -20.59 20.72
N ASP B 126 -10.35 -21.08 21.10
CA ASP B 126 -10.75 -22.46 20.84
C ASP B 126 -11.88 -22.44 19.82
N ILE B 127 -11.62 -23.01 18.64
CA ILE B 127 -12.61 -23.06 17.57
C ILE B 127 -13.25 -24.45 17.46
N SER B 128 -13.22 -25.23 18.54
CA SER B 128 -13.78 -26.57 18.48
C SER B 128 -15.22 -26.53 18.01
N GLY B 129 -15.57 -27.47 17.14
CA GLY B 129 -16.89 -27.50 16.53
C GLY B 129 -16.82 -27.35 15.02
N ASN B 130 -17.94 -26.99 14.40
CA ASN B 130 -17.96 -26.79 12.96
C ASN B 130 -17.27 -25.47 12.62
N VAL B 131 -16.42 -25.51 11.59
CA VAL B 131 -15.69 -24.31 11.20
C VAL B 131 -16.67 -23.19 10.87
N ASP B 132 -17.89 -23.54 10.48
CA ASP B 132 -18.91 -22.57 10.08
C ASP B 132 -19.96 -22.33 11.16
N SER B 133 -19.71 -22.73 12.40
CA SER B 133 -20.70 -22.46 13.45
C SER B 133 -20.12 -22.46 14.86
N PHE B 134 -18.81 -22.54 15.02
CA PHE B 134 -18.25 -22.69 16.36
C PHE B 134 -18.55 -21.48 17.24
N TRP B 135 -18.73 -20.30 16.64
CA TRP B 135 -19.05 -19.12 17.43
C TRP B 135 -20.51 -19.06 17.85
N LEU B 136 -21.35 -19.98 17.35
CA LEU B 136 -22.75 -20.08 17.75
C LEU B 136 -23.04 -21.28 18.63
N ASP B 137 -22.29 -22.38 18.45
CA ASP B 137 -22.52 -23.58 19.23
C ASP B 137 -21.26 -24.41 19.40
N GLY B 138 -20.08 -23.80 19.28
CA GLY B 138 -18.83 -24.50 19.46
C GLY B 138 -18.17 -24.20 20.80
N GLY B 139 -16.86 -24.35 20.84
CA GLY B 139 -16.08 -24.26 22.05
C GLY B 139 -15.47 -22.91 22.36
N ILE B 140 -15.62 -21.91 21.48
CA ILE B 140 -14.97 -20.63 21.70
C ILE B 140 -15.71 -19.86 22.79
N ARG B 141 -14.94 -19.18 23.64
CA ARG B 141 -15.50 -18.41 24.74
C ARG B 141 -14.71 -17.12 24.91
N ILE B 142 -15.42 -16.07 25.30
CA ILE B 142 -14.83 -14.75 25.52
C ILE B 142 -15.65 -14.03 26.57
N SER B 143 -14.99 -13.24 27.40
CA SER B 143 -15.66 -12.42 28.40
C SER B 143 -15.77 -10.98 27.91
N ALA B 144 -16.57 -10.19 28.63
CA ALA B 144 -16.75 -8.79 28.27
C ALA B 144 -15.42 -8.05 28.30
N THR B 145 -14.64 -8.24 29.37
CA THR B 145 -13.34 -7.56 29.46
C THR B 145 -12.38 -8.02 28.37
N GLU B 146 -12.47 -9.28 27.96
CA GLU B 146 -11.65 -9.74 26.85
C GLU B 146 -12.13 -9.15 25.53
N GLN B 147 -13.44 -8.98 25.37
CA GLN B 147 -13.96 -8.25 24.21
C GLN B 147 -13.34 -6.87 24.14
N ILE B 148 -13.39 -6.12 25.25
CA ILE B 148 -12.83 -4.78 25.29
C ILE B 148 -11.35 -4.81 24.93
N SER B 149 -10.60 -5.74 25.51
N SER B 149 -10.61 -5.74 25.51
CA SER B 149 -9.19 -5.85 25.18
CA SER B 149 -9.19 -5.87 25.18
C SER B 149 -8.98 -6.05 23.68
C SER B 149 -9.00 -6.04 23.69
N PHE B 150 -9.89 -6.79 23.04
CA PHE B 150 -9.81 -7.00 21.60
C PHE B 150 -10.19 -5.72 20.84
N LEU B 151 -11.29 -5.08 21.24
CA LEU B 151 -11.74 -3.89 20.55
C LEU B 151 -10.72 -2.76 20.64
N ARG B 152 -10.05 -2.62 21.77
CA ARG B 152 -9.05 -1.57 21.92
C ARG B 152 -7.93 -1.76 20.90
N LYS B 153 -7.48 -3.00 20.72
CA LYS B 153 -6.48 -3.29 19.69
C LYS B 153 -6.98 -2.85 18.32
N LEU B 154 -8.25 -3.16 18.02
CA LEU B 154 -8.83 -2.79 16.73
C LEU B 154 -8.85 -1.28 16.56
N TYR B 155 -9.33 -0.55 17.57
CA TYR B 155 -9.40 0.90 17.48
C TYR B 155 -8.05 1.50 17.12
N HIS B 156 -6.98 1.02 17.77
CA HIS B 156 -5.65 1.54 17.54
C HIS B 156 -4.93 0.85 16.38
N ASN B 157 -5.66 0.06 15.59
CA ASN B 157 -5.09 -0.62 14.42
C ASN B 157 -3.90 -1.50 14.78
N LYS B 158 -3.90 -2.10 15.97
CA LYS B 158 -2.77 -2.88 16.43
C LYS B 158 -2.95 -4.38 16.28
N LEU B 159 -4.12 -4.86 15.86
CA LEU B 159 -4.27 -6.28 15.57
C LEU B 159 -3.34 -6.68 14.42
N HIS B 160 -3.00 -7.95 14.39
CA HIS B 160 -2.01 -8.46 13.43
C HIS B 160 -2.69 -8.73 12.08
N VAL B 161 -3.29 -7.67 11.55
CA VAL B 161 -3.84 -7.64 10.19
C VAL B 161 -3.62 -6.24 9.65
N SER B 162 -3.75 -6.10 8.33
CA SER B 162 -3.46 -4.84 7.67
C SER B 162 -4.31 -3.71 8.26
N GLU B 163 -3.75 -2.49 8.20
CA GLU B 163 -4.53 -1.32 8.60
C GLU B 163 -5.81 -1.21 7.78
N ARG B 164 -5.74 -1.54 6.48
CA ARG B 164 -6.92 -1.43 5.63
C ARG B 164 -8.04 -2.33 6.13
N SER B 165 -7.72 -3.60 6.42
CA SER B 165 -8.74 -4.51 6.91
C SER B 165 -9.39 -3.99 8.18
N GLN B 166 -8.59 -3.41 9.09
CA GLN B 166 -9.15 -2.92 10.34
C GLN B 166 -10.00 -1.69 10.13
N ARG B 167 -9.56 -0.79 9.24
CA ARG B 167 -10.37 0.40 8.94
C ARG B 167 -11.73 0.02 8.36
N ILE B 168 -11.73 -0.92 7.42
CA ILE B 168 -12.98 -1.33 6.78
C ILE B 168 -13.96 -1.88 7.81
N VAL B 169 -13.48 -2.75 8.70
CA VAL B 169 -14.37 -3.35 9.68
C VAL B 169 -14.97 -2.29 10.59
N LYS B 170 -14.15 -1.34 11.04
CA LYS B 170 -14.66 -0.26 11.88
C LYS B 170 -15.70 0.56 11.14
N GLN B 171 -15.57 0.70 9.82
CA GLN B 171 -16.61 1.30 9.01
C GLN B 171 -17.89 0.46 9.08
N ALA B 172 -17.75 -0.86 8.90
CA ALA B 172 -18.91 -1.75 8.97
C ALA B 172 -19.52 -1.75 10.37
N MET B 173 -18.72 -1.49 11.39
CA MET B 173 -19.22 -1.44 12.76
C MET B 173 -20.04 -0.18 13.04
N LEU B 174 -19.99 0.82 12.16
CA LEU B 174 -20.71 2.06 12.39
C LEU B 174 -22.18 1.78 12.67
N THR B 175 -22.67 2.27 13.79
CA THR B 175 -24.03 2.02 14.25
C THR B 175 -24.84 3.30 14.42
N GLU B 176 -24.26 4.32 15.04
CA GLU B 176 -24.97 5.56 15.29
C GLU B 176 -23.97 6.70 15.32
N ALA B 177 -24.36 7.85 14.76
CA ALA B 177 -23.51 9.03 14.78
C ALA B 177 -24.40 10.27 14.74
N ASN B 178 -24.11 11.21 15.61
CA ASN B 178 -24.80 12.49 15.64
C ASN B 178 -23.80 13.55 16.07
N GLY B 179 -24.31 14.73 16.43
CA GLY B 179 -23.43 15.81 16.84
C GLY B 179 -22.73 15.56 18.17
N ASP B 180 -23.16 14.56 18.93
CA ASP B 180 -22.64 14.33 20.26
C ASP B 180 -21.71 13.14 20.39
N TYR B 181 -21.91 12.07 19.60
CA TYR B 181 -21.07 10.89 19.73
C TYR B 181 -21.16 10.04 18.48
N ILE B 182 -20.24 9.08 18.40
CA ILE B 182 -20.24 8.04 17.37
C ILE B 182 -20.15 6.70 18.08
N ILE B 183 -21.03 5.77 17.73
CA ILE B 183 -21.00 4.41 18.26
C ILE B 183 -20.62 3.47 17.11
N ARG B 184 -19.55 2.70 17.33
CA ARG B 184 -19.19 1.59 16.46
C ARG B 184 -19.25 0.33 17.31
N ALA B 185 -20.13 -0.60 16.94
CA ALA B 185 -20.42 -1.73 17.80
C ALA B 185 -20.99 -2.87 16.97
N LYS B 186 -21.16 -4.02 17.63
CA LYS B 186 -21.78 -5.19 17.03
C LYS B 186 -22.62 -5.89 18.07
N THR B 187 -23.82 -6.32 17.67
CA THR B 187 -24.72 -7.02 18.57
C THR B 187 -24.47 -8.52 18.50
N GLY B 188 -24.99 -9.23 19.49
CA GLY B 188 -24.89 -10.68 19.53
C GLY B 188 -26.06 -11.32 20.23
N TYR B 189 -26.47 -12.49 19.75
CA TYR B 189 -27.62 -13.21 20.29
C TYR B 189 -27.28 -14.68 20.28
N SER B 190 -27.01 -15.25 21.45
CA SER B 190 -26.61 -16.65 21.58
C SER B 190 -27.78 -17.47 22.07
N THR B 191 -28.26 -18.38 21.23
CA THR B 191 -29.41 -19.22 21.56
C THR B 191 -29.16 -20.71 21.42
N ARG B 192 -28.11 -21.14 20.72
CA ARG B 192 -27.93 -22.55 20.41
C ARG B 192 -27.46 -23.37 21.61
N ILE B 193 -26.91 -22.71 22.63
CA ILE B 193 -26.43 -23.40 23.83
C ILE B 193 -26.73 -22.51 25.04
N GLU B 194 -27.12 -23.15 26.13
CA GLU B 194 -27.43 -22.42 27.35
C GLU B 194 -26.14 -21.91 28.02
N PRO B 195 -26.21 -20.78 28.72
CA PRO B 195 -27.38 -19.91 28.91
C PRO B 195 -27.59 -18.96 27.73
N LYS B 196 -28.86 -18.71 27.38
CA LYS B 196 -29.16 -17.77 26.30
C LYS B 196 -28.83 -16.35 26.74
N ILE B 197 -28.04 -15.64 25.94
CA ILE B 197 -27.61 -14.29 26.28
C ILE B 197 -27.64 -13.39 25.05
N GLY B 198 -27.70 -12.09 25.29
CA GLY B 198 -27.53 -11.08 24.26
C GLY B 198 -26.24 -10.31 24.52
N TRP B 199 -25.55 -9.96 23.44
CA TRP B 199 -24.33 -9.17 23.50
C TRP B 199 -24.56 -7.77 22.95
N TRP B 200 -23.78 -6.81 23.44
CA TRP B 200 -23.51 -5.59 22.69
C TRP B 200 -22.13 -5.09 23.09
N VAL B 201 -21.22 -5.04 22.12
CA VAL B 201 -19.84 -4.65 22.36
C VAL B 201 -19.43 -3.62 21.32
N GLY B 202 -18.59 -2.67 21.73
CA GLY B 202 -18.07 -1.66 20.84
C GLY B 202 -17.46 -0.50 21.60
N TRP B 203 -17.65 0.72 21.11
CA TRP B 203 -17.13 1.89 21.81
C TRP B 203 -17.88 3.12 21.34
N VAL B 204 -17.86 4.15 22.18
N VAL B 204 -17.82 4.14 22.18
CA VAL B 204 -18.50 5.42 21.86
CA VAL B 204 -18.45 5.44 21.94
C VAL B 204 -17.41 6.48 21.76
C VAL B 204 -17.33 6.45 21.77
N GLU B 205 -17.20 7.00 20.55
CA GLU B 205 -16.20 8.02 20.31
C GLU B 205 -16.73 9.38 20.72
N LEU B 206 -15.98 10.10 21.55
CA LEU B 206 -16.27 11.48 21.90
C LEU B 206 -15.19 12.37 21.32
N ASP B 207 -15.43 13.69 21.41
CA ASP B 207 -14.48 14.66 20.90
C ASP B 207 -13.07 14.40 21.41
N ASP B 208 -12.94 14.10 22.70
CA ASP B 208 -11.64 14.05 23.36
C ASP B 208 -11.42 12.77 24.15
N ASN B 209 -12.24 11.75 23.92
CA ASN B 209 -12.07 10.48 24.65
C ASN B 209 -12.87 9.41 23.94
N VAL B 210 -12.48 8.16 24.20
CA VAL B 210 -13.19 6.98 23.70
C VAL B 210 -13.56 6.11 24.88
N TRP B 211 -14.83 5.76 24.99
CA TRP B 211 -15.34 4.87 26.03
C TRP B 211 -15.67 3.54 25.37
N PHE B 212 -14.84 2.53 25.62
CA PHE B 212 -15.13 1.17 25.16
C PHE B 212 -16.17 0.55 26.10
N PHE B 213 -17.09 -0.23 25.52
CA PHE B 213 -18.10 -0.89 26.32
C PHE B 213 -18.26 -2.33 25.83
N ALA B 214 -18.77 -3.17 26.73
CA ALA B 214 -19.07 -4.56 26.41
C ALA B 214 -20.10 -5.03 27.42
N MET B 215 -21.26 -5.45 26.93
CA MET B 215 -22.35 -5.88 27.79
C MET B 215 -22.90 -7.20 27.30
N ASN B 216 -23.34 -8.02 28.24
CA ASN B 216 -24.18 -9.17 27.92
C ASN B 216 -25.23 -9.32 29.01
N MET B 217 -26.28 -10.06 28.70
CA MET B 217 -27.41 -10.20 29.60
C MET B 217 -28.16 -11.47 29.22
N ASP B 218 -28.83 -12.06 30.20
CA ASP B 218 -29.62 -13.25 29.93
C ASP B 218 -30.75 -12.88 28.97
N MET B 219 -31.00 -13.77 28.01
CA MET B 219 -31.96 -13.50 26.93
C MET B 219 -32.74 -14.77 26.65
N PRO B 220 -33.70 -15.11 27.51
CA PRO B 220 -34.52 -16.31 27.26
C PRO B 220 -35.36 -16.21 26.00
N THR B 221 -35.94 -15.04 25.73
CA THR B 221 -36.77 -14.82 24.55
C THR B 221 -36.24 -13.63 23.77
N SER B 222 -36.61 -13.60 22.49
CA SER B 222 -36.25 -12.49 21.61
C SER B 222 -36.96 -11.19 21.97
N ASP B 223 -37.93 -11.24 22.90
CA ASP B 223 -38.70 -10.05 23.23
C ASP B 223 -37.84 -8.95 23.86
N GLY B 224 -36.69 -9.29 24.43
CA GLY B 224 -35.88 -8.33 25.14
C GLY B 224 -34.61 -7.93 24.41
N LEU B 225 -34.54 -8.20 23.10
CA LEU B 225 -33.31 -7.92 22.37
C LEU B 225 -32.99 -6.43 22.35
N GLY B 226 -34.01 -5.57 22.38
CA GLY B 226 -33.77 -4.14 22.40
C GLY B 226 -33.17 -3.64 23.70
N LEU B 227 -33.27 -4.44 24.77
CA LEU B 227 -32.69 -4.04 26.05
C LEU B 227 -31.16 -4.04 26.02
N ARG B 228 -30.56 -4.74 25.07
CA ARG B 228 -29.10 -4.71 24.94
C ARG B 228 -28.60 -3.28 24.78
N GLN B 229 -29.17 -2.55 23.83
CA GLN B 229 -28.76 -1.17 23.61
C GLN B 229 -29.40 -0.21 24.61
N ALA B 230 -30.65 -0.49 25.01
CA ALA B 230 -31.34 0.43 25.91
C ALA B 230 -30.67 0.49 27.28
N ILE B 231 -30.23 -0.65 27.80
CA ILE B 231 -29.57 -0.66 29.11
C ILE B 231 -28.19 -0.03 28.99
N THR B 232 -27.43 -0.39 27.95
CA THR B 232 -26.13 0.23 27.75
C THR B 232 -26.25 1.75 27.73
N LYS B 233 -27.24 2.26 27.00
CA LYS B 233 -27.40 3.71 26.89
C LYS B 233 -27.86 4.33 28.21
N GLU B 234 -28.66 3.61 29.00
CA GLU B 234 -29.04 4.11 30.32
C GLU B 234 -27.82 4.29 31.22
N VAL B 235 -26.86 3.37 31.14
CA VAL B 235 -25.64 3.52 31.93
C VAL B 235 -24.81 4.68 31.40
N LEU B 236 -24.66 4.77 30.08
CA LEU B 236 -23.90 5.88 29.51
C LEU B 236 -24.51 7.23 29.91
N LYS B 237 -25.83 7.30 29.98
CA LYS B 237 -26.47 8.54 30.43
C LYS B 237 -26.21 8.78 31.92
N GLN B 238 -26.41 7.75 32.75
CA GLN B 238 -26.14 7.92 34.18
C GLN B 238 -24.72 8.43 34.40
N GLU B 239 -23.75 7.88 33.69
CA GLU B 239 -22.38 8.33 33.81
C GLU B 239 -22.11 9.58 32.97
N LYS B 240 -23.16 10.20 32.45
CA LYS B 240 -23.04 11.47 31.73
C LYS B 240 -22.02 11.39 30.60
N ILE B 241 -21.86 10.18 30.04
CA ILE B 241 -21.00 9.99 28.87
C ILE B 241 -21.72 10.43 27.60
N ILE B 242 -23.03 10.24 27.55
CA ILE B 242 -23.87 10.77 26.47
C ILE B 242 -25.00 11.55 27.12
N PRO B 243 -25.60 12.48 26.37
CA PRO B 243 -26.73 13.23 26.94
C PRO B 243 -28.01 12.41 26.97
N GLU C 2 -30.33 12.57 -19.09
CA GLU C 2 -29.53 12.98 -17.94
C GLU C 2 -30.01 14.32 -17.37
N TRP C 3 -29.78 14.48 -16.07
CA TRP C 3 -30.16 15.68 -15.33
C TRP C 3 -31.66 15.95 -15.48
N GLN C 4 -32.14 16.92 -14.70
CA GLN C 4 -33.55 17.27 -14.67
C GLN C 4 -33.81 18.37 -13.64
N GLU C 5 -34.61 19.36 -14.01
CA GLU C 5 -34.88 20.51 -13.17
C GLU C 5 -36.32 20.43 -12.64
N ASN C 6 -36.46 20.59 -11.33
CA ASN C 6 -37.75 20.52 -10.65
C ASN C 6 -37.91 21.80 -9.82
N LYS C 7 -38.67 22.77 -10.35
CA LYS C 7 -38.85 24.03 -9.64
C LYS C 7 -39.63 23.87 -8.35
N SER C 8 -40.37 22.76 -8.19
CA SER C 8 -41.15 22.55 -6.97
C SER C 8 -40.29 22.70 -5.72
N TRP C 9 -39.03 22.27 -5.79
CA TRP C 9 -38.15 22.39 -4.63
C TRP C 9 -37.91 23.83 -4.21
N ASN C 10 -38.11 24.80 -5.12
CA ASN C 10 -37.90 26.20 -4.77
C ASN C 10 -38.70 26.58 -3.52
N ALA C 11 -39.82 25.92 -3.28
CA ALA C 11 -40.60 26.18 -2.07
C ALA C 11 -39.75 26.09 -0.82
N HIS C 12 -38.91 25.05 -0.73
CA HIS C 12 -38.12 24.83 0.48
C HIS C 12 -37.21 26.00 0.78
N PHE C 13 -36.74 26.71 -0.25
CA PHE C 13 -35.97 27.93 -0.03
C PHE C 13 -36.88 29.12 0.19
N THR C 14 -38.02 29.17 -0.51
CA THR C 14 -38.93 30.29 -0.40
C THR C 14 -39.60 30.33 0.97
N GLU C 15 -39.97 29.18 1.51
CA GLU C 15 -40.61 29.14 2.82
C GLU C 15 -39.78 29.84 3.88
N HIS C 16 -38.46 29.92 3.69
CA HIS C 16 -37.56 30.54 4.64
C HIS C 16 -36.99 31.87 4.15
N LYS C 17 -37.59 32.44 3.10
CA LYS C 17 -37.19 33.74 2.58
C LYS C 17 -35.70 33.78 2.22
N SER C 18 -35.21 32.69 1.63
CA SER C 18 -33.82 32.58 1.21
C SER C 18 -33.78 32.11 -0.23
N GLN C 19 -32.57 32.01 -0.79
CA GLN C 19 -32.36 31.55 -2.15
C GLN C 19 -31.17 30.62 -2.19
N GLY C 20 -31.28 29.57 -2.99
CA GLY C 20 -30.18 28.63 -3.12
C GLY C 20 -30.57 27.48 -4.04
N VAL C 21 -29.64 26.53 -4.15
CA VAL C 21 -29.79 25.39 -5.03
C VAL C 21 -29.48 24.13 -4.26
N VAL C 22 -30.25 23.08 -4.51
CA VAL C 22 -29.93 21.73 -4.08
C VAL C 22 -29.74 20.88 -5.32
N VAL C 23 -28.67 20.10 -5.34
CA VAL C 23 -28.38 19.18 -6.45
C VAL C 23 -28.27 17.78 -5.88
N LEU C 24 -29.04 16.86 -6.45
CA LEU C 24 -29.02 15.46 -6.07
C LEU C 24 -28.55 14.63 -7.26
N TRP C 25 -27.80 13.57 -6.97
CA TRP C 25 -27.33 12.63 -7.99
C TRP C 25 -27.60 11.22 -7.52
N ASN C 26 -28.44 10.50 -8.27
CA ASN C 26 -28.70 9.09 -8.00
C ASN C 26 -27.59 8.27 -8.66
N GLU C 27 -26.78 7.60 -7.83
CA GLU C 27 -25.61 6.90 -8.35
C GLU C 27 -26.00 5.66 -9.13
N ASN C 28 -26.96 4.88 -8.62
CA ASN C 28 -27.40 3.69 -9.33
C ASN C 28 -27.98 4.06 -10.70
N LYS C 29 -28.88 5.04 -10.73
CA LYS C 29 -29.52 5.46 -11.98
C LYS C 29 -28.67 6.43 -12.79
N GLN C 30 -27.56 6.94 -12.23
CA GLN C 30 -26.75 7.94 -12.91
C GLN C 30 -27.63 9.08 -13.42
N GLN C 31 -28.44 9.63 -12.53
CA GLN C 31 -29.38 10.70 -12.87
C GLN C 31 -29.24 11.84 -11.87
N GLY C 32 -29.28 13.06 -12.39
CA GLY C 32 -29.18 14.24 -11.56
C GLY C 32 -30.49 14.99 -11.44
N PHE C 33 -30.63 15.76 -10.36
CA PHE C 33 -31.85 16.53 -10.10
C PHE C 33 -31.45 17.81 -9.38
N THR C 34 -32.15 18.90 -9.70
CA THR C 34 -31.88 20.18 -9.08
C THR C 34 -33.11 21.07 -9.19
N ASN C 35 -33.15 22.09 -8.33
CA ASN C 35 -34.22 23.08 -8.39
C ASN C 35 -33.89 24.24 -9.31
N ASN C 36 -32.62 24.42 -9.66
CA ASN C 36 -32.17 25.63 -10.35
C ASN C 36 -30.88 25.28 -11.10
N LEU C 37 -31.03 24.92 -12.37
CA LEU C 37 -29.88 24.42 -13.13
C LEU C 37 -28.83 25.50 -13.35
N LYS C 38 -29.24 26.78 -13.38
CA LYS C 38 -28.27 27.85 -13.57
C LYS C 38 -27.37 27.99 -12.35
N ARG C 39 -27.97 28.11 -11.16
CA ARG C 39 -27.16 28.24 -9.96
C ARG C 39 -26.35 26.97 -9.70
N ALA C 40 -26.89 25.81 -10.06
CA ALA C 40 -26.16 24.56 -9.92
C ALA C 40 -24.78 24.65 -10.57
N ASN C 41 -24.64 25.45 -11.63
CA ASN C 41 -23.37 25.61 -12.33
C ASN C 41 -22.69 26.94 -12.05
N GLN C 42 -23.25 27.79 -11.19
CA GLN C 42 -22.57 29.01 -10.78
C GLN C 42 -21.55 28.69 -9.69
N ALA C 43 -20.30 29.08 -9.92
CA ALA C 43 -19.19 28.73 -9.04
C ALA C 43 -19.03 29.76 -7.93
N PHE C 44 -18.88 29.27 -6.70
CA PHE C 44 -18.70 30.11 -5.52
C PHE C 44 -17.42 29.71 -4.79
N LEU C 45 -17.02 30.55 -3.84
CA LEU C 45 -15.93 30.19 -2.95
C LEU C 45 -16.28 28.93 -2.17
N PRO C 46 -15.39 27.94 -2.11
CA PRO C 46 -15.74 26.70 -1.40
C PRO C 46 -15.74 26.85 0.11
N ALA C 47 -14.93 27.75 0.66
CA ALA C 47 -14.84 27.97 2.11
C ALA C 47 -14.54 26.63 2.77
N SER C 48 -15.25 26.24 3.82
CA SER C 48 -14.86 25.08 4.61
C SER C 48 -15.07 23.76 3.88
N THR C 49 -15.84 23.74 2.79
CA THR C 49 -15.91 22.51 2.00
C THR C 49 -14.55 22.13 1.45
N PHE C 50 -13.63 23.08 1.38
CA PHE C 50 -12.28 22.82 0.90
C PHE C 50 -11.48 21.98 1.89
N KCX C 51 -12.00 21.78 3.10
CA KCX C 51 -11.27 20.96 4.07
CB KCX C 51 -11.92 21.02 5.45
CG KCX C 51 -11.44 22.18 6.32
CD KCX C 51 -12.61 22.94 6.91
CE KCX C 51 -12.19 23.94 7.97
NZ KCX C 51 -12.40 25.34 7.51
C KCX C 51 -11.20 19.51 3.60
O KCX C 51 -10.35 18.75 4.05
CX KCX C 51 -11.67 25.89 6.55
OQ1 KCX C 51 -10.74 25.27 6.01
OQ2 KCX C 51 -11.91 27.06 6.20
N ILE C 52 -12.09 19.13 2.69
CA ILE C 52 -12.08 17.77 2.15
C ILE C 52 -10.81 17.57 1.32
N PRO C 53 -10.64 18.33 0.23
CA PRO C 53 -9.40 18.20 -0.53
C PRO C 53 -8.16 18.53 0.28
N ASN C 54 -8.24 19.55 1.14
CA ASN C 54 -7.12 19.89 2.00
C ASN C 54 -6.71 18.71 2.86
N SER C 55 -7.69 18.07 3.52
CA SER C 55 -7.40 16.88 4.31
C SER C 55 -6.76 15.79 3.45
N LEU C 56 -7.33 15.53 2.27
CA LEU C 56 -6.78 14.51 1.37
C LEU C 56 -5.32 14.80 1.05
N ILE C 57 -5.01 16.05 0.71
CA ILE C 57 -3.66 16.40 0.31
C ILE C 57 -2.71 16.32 1.50
N ALA C 58 -3.14 16.85 2.65
CA ALA C 58 -2.29 16.79 3.84
C ALA C 58 -1.94 15.37 4.21
N LEU C 59 -2.94 14.47 4.18
CA LEU C 59 -2.69 13.08 4.54
C LEU C 59 -1.75 12.40 3.55
N ASP C 60 -1.96 12.61 2.26
CA ASP C 60 -1.20 11.90 1.25
C ASP C 60 0.26 12.37 1.18
N LEU C 61 0.54 13.59 1.64
CA LEU C 61 1.90 14.11 1.66
C LEU C 61 2.59 13.89 3.00
N GLY C 62 1.90 13.29 3.97
CA GLY C 62 2.45 13.08 5.28
C GLY C 62 2.36 14.27 6.21
N VAL C 63 1.87 15.41 5.72
CA VAL C 63 1.67 16.56 6.61
C VAL C 63 0.80 16.16 7.79
N VAL C 64 -0.25 15.39 7.53
CA VAL C 64 -1.05 14.75 8.57
C VAL C 64 -0.77 13.25 8.48
N LYS C 65 -0.35 12.67 9.61
CA LYS C 65 0.03 11.26 9.60
C LYS C 65 -1.19 10.35 9.75
N ASP C 66 -2.16 10.75 10.57
CA ASP C 66 -3.39 9.98 10.73
C ASP C 66 -4.42 10.84 11.44
N GLU C 67 -5.61 10.28 11.62
CA GLU C 67 -6.73 10.99 12.23
C GLU C 67 -6.60 11.15 13.74
N HIS C 68 -5.56 10.59 14.36
CA HIS C 68 -5.33 10.74 15.79
C HIS C 68 -4.28 11.79 16.12
N GLN C 69 -3.45 12.18 15.16
CA GLN C 69 -2.42 13.17 15.42
C GLN C 69 -3.04 14.43 15.99
N VAL C 70 -2.48 14.90 17.10
N VAL C 70 -2.46 14.92 17.08
CA VAL C 70 -3.00 16.07 17.79
CA VAL C 70 -3.01 16.07 17.79
C VAL C 70 -2.34 17.32 17.23
C VAL C 70 -2.33 17.33 17.28
N PHE C 71 -3.15 18.29 16.84
CA PHE C 71 -2.67 19.60 16.40
C PHE C 71 -3.03 20.57 17.52
N LYS C 72 -2.03 20.96 18.28
CA LYS C 72 -2.26 21.73 19.50
C LYS C 72 -2.69 23.15 19.15
N TRP C 73 -3.70 23.62 19.88
CA TRP C 73 -4.10 25.02 19.82
C TRP C 73 -2.88 25.93 19.99
N ASP C 74 -2.79 26.95 19.13
CA ASP C 74 -1.66 27.87 19.16
C ASP C 74 -1.78 28.91 20.26
N GLY C 75 -2.76 28.78 21.16
CA GLY C 75 -2.90 29.65 22.30
C GLY C 75 -3.53 31.00 22.02
N GLN C 76 -3.79 31.34 20.76
CA GLN C 76 -4.43 32.59 20.42
C GLN C 76 -5.94 32.43 20.51
N THR C 77 -6.57 33.18 21.43
CA THR C 77 -8.01 33.09 21.62
C THR C 77 -8.73 33.66 20.41
N ARG C 78 -9.69 32.90 19.87
CA ARG C 78 -10.50 33.33 18.75
C ARG C 78 -11.96 33.30 19.15
N ASP C 79 -12.81 33.94 18.34
CA ASP C 79 -14.21 34.14 18.69
C ASP C 79 -15.00 32.85 18.72
N ILE C 80 -14.47 31.76 18.16
CA ILE C 80 -15.18 30.48 18.09
C ILE C 80 -14.56 29.57 19.14
N ALA C 81 -15.32 29.28 20.19
CA ALA C 81 -14.79 28.58 21.35
C ALA C 81 -14.17 27.25 20.96
N THR C 82 -14.88 26.46 20.14
CA THR C 82 -14.39 25.13 19.79
C THR C 82 -13.03 25.18 19.09
N TRP C 83 -12.63 26.35 18.58
CA TRP C 83 -11.31 26.49 17.98
C TRP C 83 -10.21 26.62 19.03
N ASN C 84 -10.55 27.00 20.25
CA ASN C 84 -9.56 27.25 21.30
C ASN C 84 -9.33 25.97 22.12
N ARG C 85 -8.86 24.94 21.42
CA ARG C 85 -8.56 23.66 22.05
C ARG C 85 -7.76 22.84 21.06
N ASP C 86 -7.20 21.73 21.56
CA ASP C 86 -6.49 20.79 20.69
C ASP C 86 -7.48 20.09 19.78
N HIS C 87 -7.00 19.69 18.60
CA HIS C 87 -7.83 19.02 17.63
C HIS C 87 -7.03 17.94 16.91
N ASN C 88 -7.76 16.94 16.43
CA ASN C 88 -7.28 15.98 15.45
C ASN C 88 -8.11 16.14 14.18
N LEU C 89 -7.77 15.36 13.16
CA LEU C 89 -8.45 15.48 11.87
C LEU C 89 -9.96 15.40 12.04
N ILE C 90 -10.43 14.49 12.90
CA ILE C 90 -11.87 14.29 13.05
C ILE C 90 -12.52 15.54 13.62
N THR C 91 -12.02 16.03 14.76
CA THR C 91 -12.65 17.17 15.40
C THR C 91 -12.41 18.46 14.63
N ALA C 92 -11.25 18.57 13.97
CA ALA C 92 -10.99 19.74 13.14
C ALA C 92 -12.04 19.88 12.05
N MET C 93 -12.44 18.76 11.43
N MET C 93 -12.39 18.76 11.40
CA MET C 93 -13.48 18.83 10.42
CA MET C 93 -13.48 18.75 10.43
C MET C 93 -14.86 19.02 11.05
C MET C 93 -14.81 19.07 11.10
N LYS C 94 -15.14 18.33 12.16
CA LYS C 94 -16.44 18.48 12.82
C LYS C 94 -16.73 19.94 13.16
N TYR C 95 -15.72 20.68 13.60
CA TYR C 95 -15.89 22.06 14.02
C TYR C 95 -15.34 23.05 13.00
N SER C 96 -14.99 22.59 11.81
CA SER C 96 -14.51 23.46 10.74
C SER C 96 -13.49 24.46 11.28
N VAL C 97 -12.43 23.91 11.85
CA VAL C 97 -11.44 24.69 12.60
C VAL C 97 -10.43 25.23 11.59
N VAL C 98 -10.67 26.49 11.15
CA VAL C 98 -9.84 27.08 10.10
C VAL C 98 -8.36 27.12 10.46
N PRO C 99 -7.97 27.56 11.66
CA PRO C 99 -6.52 27.70 11.94
C PRO C 99 -5.73 26.42 11.77
N VAL C 100 -6.32 25.25 12.02
CA VAL C 100 -5.60 24.00 11.79
C VAL C 100 -5.36 23.81 10.29
N TYR C 101 -6.39 24.03 9.48
CA TYR C 101 -6.26 23.82 8.05
C TYR C 101 -5.42 24.90 7.39
N GLN C 102 -5.35 26.09 7.97
CA GLN C 102 -4.42 27.09 7.48
C GLN C 102 -2.98 26.60 7.63
N GLU C 103 -2.69 25.90 8.73
CA GLU C 103 -1.34 25.37 8.91
C GLU C 103 -1.07 24.22 7.95
N PHE C 104 -2.06 23.35 7.71
CA PHE C 104 -1.90 22.33 6.67
C PHE C 104 -1.44 22.96 5.36
N ALA C 105 -2.17 23.99 4.90
CA ALA C 105 -1.90 24.57 3.60
C ALA C 105 -0.49 25.14 3.52
N ARG C 106 -0.08 25.90 4.54
CA ARG C 106 1.27 26.46 4.53
C ARG C 106 2.33 25.36 4.46
N GLN C 107 2.09 24.25 5.15
CA GLN C 107 3.04 23.14 5.10
C GLN C 107 2.95 22.37 3.79
N ILE C 108 1.74 22.23 3.22
CA ILE C 108 1.60 21.67 1.88
C ILE C 108 2.39 22.50 0.89
N GLY C 109 2.19 23.81 0.90
CA GLY C 109 2.90 24.70 -0.01
C GLY C 109 2.13 24.98 -1.29
N GLU C 110 2.40 26.13 -1.89
CA GLU C 110 1.66 26.50 -3.09
C GLU C 110 1.85 25.48 -4.21
N ALA C 111 3.10 25.08 -4.47
CA ALA C 111 3.37 24.22 -5.60
C ALA C 111 2.58 22.92 -5.52
N ARG C 112 2.72 22.20 -4.42
CA ARG C 112 2.06 20.90 -4.31
C ARG C 112 0.55 21.07 -4.22
N MET C 113 0.07 22.12 -3.56
CA MET C 113 -1.36 22.38 -3.50
C MET C 113 -1.94 22.53 -4.90
N SER C 114 -1.22 23.19 -5.80
CA SER C 114 -1.74 23.47 -7.13
C SER C 114 -1.85 22.20 -7.96
N LYS C 115 -0.77 21.42 -8.04
CA LYS C 115 -0.80 20.18 -8.82
C LYS C 115 -1.84 19.20 -8.31
N MET C 116 -2.12 19.20 -7.01
CA MET C 116 -3.11 18.29 -6.46
C MET C 116 -4.52 18.69 -6.87
N LEU C 117 -4.85 19.98 -6.75
CA LEU C 117 -6.17 20.44 -7.14
C LEU C 117 -6.42 20.25 -8.63
N HIS C 118 -5.37 20.34 -9.45
CA HIS C 118 -5.51 19.96 -10.85
C HIS C 118 -5.73 18.45 -10.98
N ALA C 119 -4.92 17.65 -10.27
CA ALA C 119 -5.11 16.20 -10.30
C ALA C 119 -6.53 15.83 -9.90
N PHE C 120 -7.11 16.56 -8.95
CA PHE C 120 -8.47 16.33 -8.52
C PHE C 120 -9.51 16.94 -9.47
N ASP C 121 -9.08 17.76 -10.43
CA ASP C 121 -10.00 18.47 -11.30
C ASP C 121 -11.00 19.28 -10.46
N TYR C 122 -10.49 19.91 -9.41
CA TYR C 122 -11.33 20.55 -8.40
C TYR C 122 -11.63 22.00 -8.81
N GLY C 123 -12.88 22.27 -9.15
CA GLY C 123 -13.28 23.63 -9.47
C GLY C 123 -12.44 24.22 -10.56
N ASN C 124 -12.18 25.53 -10.47
CA ASN C 124 -11.32 26.21 -11.43
C ASN C 124 -9.85 25.93 -11.19
N GLU C 125 -9.51 25.17 -10.14
CA GLU C 125 -8.14 24.74 -9.89
C GLU C 125 -7.19 25.94 -9.72
N ASP C 126 -7.72 27.06 -9.25
CA ASP C 126 -6.96 28.30 -9.09
C ASP C 126 -6.80 28.61 -7.62
N ILE C 127 -5.56 28.61 -7.14
CA ILE C 127 -5.27 28.92 -5.74
C ILE C 127 -4.72 30.34 -5.59
N SER C 128 -5.01 31.23 -6.54
CA SER C 128 -4.48 32.59 -6.47
C SER C 128 -4.90 33.25 -5.17
N GLY C 129 -3.95 33.97 -4.56
CA GLY C 129 -4.15 34.56 -3.25
C GLY C 129 -3.16 34.00 -2.26
N ASN C 130 -3.42 34.17 -0.97
CA ASN C 130 -2.56 33.59 0.06
C ASN C 130 -2.82 32.10 0.18
N VAL C 131 -1.75 31.32 0.25
CA VAL C 131 -1.87 29.86 0.31
C VAL C 131 -2.67 29.42 1.52
N ASP C 132 -2.72 30.23 2.57
CA ASP C 132 -3.40 29.86 3.81
C ASP C 132 -4.78 30.46 3.95
N SER C 133 -5.34 31.00 2.88
CA SER C 133 -6.70 31.54 2.95
C SER C 133 -7.36 31.61 1.58
N PHE C 134 -6.72 31.05 0.54
CA PHE C 134 -7.24 31.23 -0.80
C PHE C 134 -8.63 30.63 -0.95
N TRP C 135 -8.96 29.61 -0.15
CA TRP C 135 -10.29 29.03 -0.19
C TRP C 135 -11.32 29.88 0.54
N LEU C 136 -10.88 30.97 1.19
CA LEU C 136 -11.79 31.90 1.86
C LEU C 136 -11.89 33.24 1.16
N ASP C 137 -10.82 33.70 0.50
CA ASP C 137 -10.88 34.98 -0.19
C ASP C 137 -9.92 35.04 -1.37
N GLY C 138 -9.54 33.91 -1.94
CA GLY C 138 -8.68 33.85 -3.10
C GLY C 138 -9.47 33.61 -4.37
N GLY C 139 -8.80 33.04 -5.36
CA GLY C 139 -9.39 32.88 -6.67
C GLY C 139 -10.09 31.58 -6.93
N ILE C 140 -10.08 30.63 -5.98
CA ILE C 140 -10.68 29.33 -6.23
C ILE C 140 -12.20 29.45 -6.18
N ARG C 141 -12.87 28.75 -7.09
CA ARG C 141 -14.31 28.75 -7.19
C ARG C 141 -14.77 27.34 -7.54
N ILE C 142 -15.96 26.98 -7.06
CA ILE C 142 -16.54 25.66 -7.35
C ILE C 142 -18.05 25.78 -7.31
N SER C 143 -18.71 25.05 -8.20
CA SER C 143 -20.17 24.99 -8.23
C SER C 143 -20.67 23.68 -7.60
N ALA C 144 -21.98 23.64 -7.38
CA ALA C 144 -22.60 22.46 -6.78
C ALA C 144 -22.35 21.22 -7.63
N THR C 145 -22.57 21.31 -8.95
CA THR C 145 -22.36 20.15 -9.81
C THR C 145 -20.90 19.75 -9.84
N GLU C 146 -19.99 20.73 -9.68
CA GLU C 146 -18.57 20.42 -9.62
C GLU C 146 -18.24 19.71 -8.31
N GLN C 147 -18.89 20.12 -7.22
CA GLN C 147 -18.75 19.41 -5.96
C GLN C 147 -19.17 17.94 -6.11
N ILE C 148 -20.33 17.70 -6.72
CA ILE C 148 -20.83 16.33 -6.88
C ILE C 148 -19.79 15.48 -7.59
N SER C 149 -19.28 15.97 -8.72
N SER C 149 -19.26 15.97 -8.71
CA SER C 149 -18.29 15.22 -9.49
CA SER C 149 -18.31 15.17 -9.48
C SER C 149 -17.06 14.91 -8.67
C SER C 149 -17.03 14.91 -8.69
N PHE C 150 -16.68 15.79 -7.74
CA PHE C 150 -15.52 15.53 -6.90
C PHE C 150 -15.86 14.49 -5.84
N LEU C 151 -17.01 14.63 -5.19
CA LEU C 151 -17.41 13.68 -4.16
C LEU C 151 -17.54 12.27 -4.72
N ARG C 152 -18.08 12.14 -5.93
CA ARG C 152 -18.24 10.81 -6.52
C ARG C 152 -16.90 10.12 -6.70
N LYS C 153 -15.90 10.86 -7.19
CA LYS C 153 -14.56 10.30 -7.30
C LYS C 153 -14.07 9.83 -5.93
N LEU C 154 -14.30 10.65 -4.90
CA LEU C 154 -13.88 10.30 -3.55
C LEU C 154 -14.55 9.01 -3.07
N TYR C 155 -15.87 8.93 -3.23
CA TYR C 155 -16.59 7.73 -2.78
C TYR C 155 -15.99 6.47 -3.36
N HIS C 156 -15.67 6.47 -4.65
CA HIS C 156 -15.15 5.30 -5.32
C HIS C 156 -13.63 5.18 -5.22
N ASN C 157 -12.99 5.97 -4.37
CA ASN C 157 -11.54 5.92 -4.19
C ASN C 157 -10.81 6.18 -5.51
N LYS C 158 -11.39 7.03 -6.36
CA LYS C 158 -10.84 7.24 -7.70
C LYS C 158 -9.97 8.49 -7.79
N LEU C 159 -9.94 9.31 -6.75
CA LEU C 159 -9.02 10.44 -6.72
C LEU C 159 -7.59 9.94 -6.71
N HIS C 160 -6.69 10.77 -7.22
CA HIS C 160 -5.29 10.37 -7.40
C HIS C 160 -4.50 10.60 -6.11
N VAL C 161 -4.96 9.93 -5.06
CA VAL C 161 -4.26 9.80 -3.80
C VAL C 161 -4.53 8.39 -3.29
N SER C 162 -3.71 7.94 -2.35
CA SER C 162 -3.82 6.56 -1.88
C SER C 162 -5.24 6.27 -1.40
N GLU C 163 -5.63 5.00 -1.49
CA GLU C 163 -6.90 4.57 -0.93
C GLU C 163 -6.99 4.93 0.55
N ARG C 164 -5.88 4.83 1.27
CA ARG C 164 -5.87 5.12 2.70
C ARG C 164 -6.28 6.56 2.97
N SER C 165 -5.65 7.51 2.28
CA SER C 165 -5.99 8.91 2.49
C SER C 165 -7.47 9.16 2.26
N GLN C 166 -8.03 8.53 1.22
CA GLN C 166 -9.44 8.73 0.89
C GLN C 166 -10.34 8.08 1.94
N ARG C 167 -9.97 6.90 2.42
CA ARG C 167 -10.77 6.26 3.47
C ARG C 167 -10.80 7.13 4.72
N ILE C 168 -9.65 7.65 5.14
CA ILE C 168 -9.59 8.45 6.36
C ILE C 168 -10.47 9.69 6.23
N VAL C 169 -10.37 10.40 5.10
CA VAL C 169 -11.16 11.61 4.91
C VAL C 169 -12.64 11.27 4.95
N LYS C 170 -13.05 10.18 4.30
CA LYS C 170 -14.45 9.79 4.35
C LYS C 170 -14.90 9.48 5.77
N GLN C 171 -13.99 8.97 6.60
CA GLN C 171 -14.29 8.82 8.02
C GLN C 171 -14.52 10.18 8.68
N ALA C 172 -13.61 11.12 8.45
CA ALA C 172 -13.73 12.44 9.06
C ALA C 172 -14.99 13.16 8.62
N MET C 173 -15.52 12.83 7.44
CA MET C 173 -16.73 13.45 6.95
C MET C 173 -17.98 12.93 7.66
N LEU C 174 -17.89 11.84 8.42
CA LEU C 174 -19.06 11.26 9.06
C LEU C 174 -19.79 12.32 9.87
N THR C 175 -21.08 12.49 9.57
CA THR C 175 -21.91 13.50 10.19
C THR C 175 -23.11 12.92 10.91
N GLU C 176 -23.81 11.97 10.30
CA GLU C 176 -25.01 11.40 10.89
C GLU C 176 -25.14 9.95 10.44
N ALA C 177 -25.53 9.08 11.37
CA ALA C 177 -25.72 7.68 11.07
C ALA C 177 -26.77 7.10 12.02
N ASN C 178 -27.72 6.36 11.46
CA ASN C 178 -28.72 5.65 12.24
C ASN C 178 -29.08 4.37 11.49
N GLY C 179 -30.16 3.73 11.90
CA GLY C 179 -30.60 2.52 11.24
C GLY C 179 -31.09 2.71 9.82
N ASP C 180 -31.34 3.95 9.42
CA ASP C 180 -31.95 4.23 8.12
C ASP C 180 -30.97 4.76 7.08
N TYR C 181 -29.96 5.54 7.48
CA TYR C 181 -29.04 6.10 6.51
C TYR C 181 -27.75 6.53 7.21
N ILE C 182 -26.74 6.81 6.39
CA ILE C 182 -25.47 7.40 6.83
C ILE C 182 -25.20 8.61 5.95
N ILE C 183 -24.91 9.74 6.57
CA ILE C 183 -24.56 10.96 5.87
C ILE C 183 -23.09 11.27 6.15
N ARG C 184 -22.31 11.42 5.08
CA ARG C 184 -20.94 11.93 5.14
C ARG C 184 -20.91 13.23 4.35
N ALA C 185 -20.56 14.33 5.01
CA ALA C 185 -20.73 15.64 4.41
C ALA C 185 -19.77 16.63 5.06
N LYS C 186 -19.74 17.84 4.49
CA LYS C 186 -18.96 18.93 5.02
C LYS C 186 -19.73 20.23 4.83
N THR C 187 -19.71 21.08 5.85
CA THR C 187 -20.38 22.37 5.78
C THR C 187 -19.43 23.44 5.25
N GLY C 188 -20.01 24.56 4.83
CA GLY C 188 -19.24 25.69 4.35
C GLY C 188 -19.94 27.01 4.60
N TYR C 189 -19.16 28.05 4.91
CA TYR C 189 -19.71 29.38 5.20
C TYR C 189 -18.76 30.41 4.59
N SER C 190 -19.18 31.03 3.49
CA SER C 190 -18.38 32.00 2.77
C SER C 190 -18.91 33.41 3.03
N THR C 191 -18.09 34.26 3.65
CA THR C 191 -18.49 35.61 4.00
C THR C 191 -17.58 36.70 3.45
N ARG C 192 -16.35 36.37 3.06
CA ARG C 192 -15.36 37.40 2.71
C ARG C 192 -15.61 38.03 1.35
N ILE C 193 -16.43 37.42 0.50
CA ILE C 193 -16.76 37.96 -0.81
C ILE C 193 -18.23 37.69 -1.09
N GLU C 194 -18.90 38.65 -1.69
CA GLU C 194 -20.31 38.49 -2.01
C GLU C 194 -20.48 37.54 -3.19
N PRO C 195 -21.60 36.79 -3.24
CA PRO C 195 -22.64 36.77 -2.21
C PRO C 195 -22.27 35.87 -1.04
N LYS C 196 -22.65 36.24 0.19
CA LYS C 196 -22.40 35.36 1.32
C LYS C 196 -23.28 34.12 1.18
N ILE C 197 -22.65 32.95 1.29
CA ILE C 197 -23.35 31.69 1.05
C ILE C 197 -22.98 30.67 2.12
N GLY C 198 -23.88 29.70 2.29
CA GLY C 198 -23.59 28.51 3.09
C GLY C 198 -23.60 27.30 2.17
N TRP C 199 -22.70 26.37 2.44
CA TRP C 199 -22.62 25.11 1.70
C TRP C 199 -23.08 23.96 2.57
N TRP C 200 -23.59 22.92 1.92
CA TRP C 200 -23.58 21.59 2.51
C TRP C 200 -23.46 20.60 1.36
N VAL C 201 -22.37 19.84 1.37
CA VAL C 201 -22.05 18.91 0.29
C VAL C 201 -21.71 17.56 0.90
N GLY C 202 -22.09 16.50 0.20
CA GLY C 202 -21.78 15.16 0.66
C GLY C 202 -22.62 14.11 -0.03
N TRP C 203 -23.02 13.08 0.71
CA TRP C 203 -23.87 12.04 0.15
C TRP C 203 -24.56 11.30 1.29
N VAL C 204 -25.58 10.53 0.95
N VAL C 204 -25.54 10.49 0.91
CA VAL C 204 -26.30 9.73 1.92
CA VAL C 204 -26.36 9.72 1.82
C VAL C 204 -26.26 8.28 1.47
C VAL C 204 -26.23 8.25 1.42
N GLU C 205 -25.67 7.43 2.30
CA GLU C 205 -25.52 6.01 2.03
C GLU C 205 -26.77 5.26 2.47
N LEU C 206 -27.35 4.50 1.55
CA LEU C 206 -28.46 3.61 1.83
C LEU C 206 -28.01 2.16 1.68
N ASP C 207 -28.88 1.24 2.07
CA ASP C 207 -28.57 -0.17 1.96
C ASP C 207 -28.11 -0.53 0.55
N ASP C 208 -28.80 0.00 -0.47
CA ASP C 208 -28.57 -0.43 -1.85
C ASP C 208 -28.35 0.73 -2.81
N ASN C 209 -28.05 1.93 -2.30
CA ASN C 209 -27.81 3.06 -3.18
C ASN C 209 -27.13 4.18 -2.40
N VAL C 210 -26.57 5.13 -3.13
N VAL C 210 -26.57 5.13 -3.13
CA VAL C 210 -25.98 6.32 -2.53
CA VAL C 210 -25.95 6.32 -2.57
C VAL C 210 -26.45 7.53 -3.33
C VAL C 210 -26.48 7.52 -3.34
N TRP C 211 -26.96 8.53 -2.61
CA TRP C 211 -27.43 9.79 -3.19
C TRP C 211 -26.42 10.88 -2.84
N PHE C 212 -25.68 11.34 -3.83
CA PHE C 212 -24.79 12.48 -3.63
C PHE C 212 -25.60 13.78 -3.64
N PHE C 213 -25.21 14.71 -2.78
CA PHE C 213 -25.90 15.99 -2.71
C PHE C 213 -24.89 17.13 -2.63
N ALA C 214 -25.33 18.30 -3.06
CA ALA C 214 -24.51 19.51 -3.04
C ALA C 214 -25.47 20.70 -3.06
N MET C 215 -25.43 21.52 -2.02
CA MET C 215 -26.32 22.66 -1.91
C MET C 215 -25.54 23.89 -1.48
N ASN C 216 -26.00 25.05 -1.96
CA ASN C 216 -25.57 26.31 -1.40
C ASN C 216 -26.77 27.26 -1.36
N MET C 217 -26.65 28.30 -0.55
CA MET C 217 -27.77 29.21 -0.32
C MET C 217 -27.22 30.53 0.19
N ASP C 218 -27.94 31.60 -0.09
CA ASP C 218 -27.55 32.92 0.40
C ASP C 218 -27.61 32.95 1.92
N MET C 219 -26.63 33.61 2.53
CA MET C 219 -26.46 33.62 3.98
C MET C 219 -26.04 35.01 4.42
N PRO C 220 -26.98 35.96 4.46
CA PRO C 220 -26.61 37.31 4.92
C PRO C 220 -26.10 37.33 6.35
N THR C 221 -26.71 36.57 7.25
CA THR C 221 -26.29 36.49 8.64
C THR C 221 -26.06 35.02 9.00
N SER C 222 -25.25 34.81 10.03
CA SER C 222 -25.00 33.45 10.51
C SER C 222 -26.23 32.84 11.17
N ASP C 223 -27.29 33.60 11.39
CA ASP C 223 -28.47 33.10 12.07
C ASP C 223 -29.18 31.99 11.29
N GLY C 224 -28.96 31.91 9.98
CA GLY C 224 -29.67 30.95 9.16
C GLY C 224 -28.81 29.79 8.70
N LEU C 225 -27.67 29.58 9.37
CA LEU C 225 -26.75 28.53 8.95
C LEU C 225 -27.37 27.15 9.07
N GLY C 226 -28.30 26.97 10.01
CA GLY C 226 -28.94 25.67 10.18
C GLY C 226 -29.84 25.28 9.02
N LEU C 227 -30.24 26.23 8.19
CA LEU C 227 -31.07 25.91 7.04
C LEU C 227 -30.32 25.13 5.99
N ARG C 228 -28.98 25.18 5.99
CA ARG C 228 -28.20 24.38 5.05
C ARG C 228 -28.55 22.91 5.17
N GLN C 229 -28.52 22.37 6.40
CA GLN C 229 -28.85 20.96 6.60
C GLN C 229 -30.36 20.75 6.63
N ALA C 230 -31.10 21.71 7.18
CA ALA C 230 -32.54 21.54 7.31
C ALA C 230 -33.23 21.51 5.94
N ILE C 231 -32.81 22.37 5.02
CA ILE C 231 -33.42 22.39 3.70
C ILE C 231 -33.02 21.15 2.92
N THR C 232 -31.73 20.79 2.96
CA THR C 232 -31.28 19.58 2.29
C THR C 232 -32.10 18.38 2.76
N LYS C 233 -32.34 18.26 4.07
CA LYS C 233 -33.09 17.13 4.58
C LYS C 233 -34.55 17.17 4.17
N GLU C 234 -35.14 18.36 4.06
CA GLU C 234 -36.51 18.45 3.61
C GLU C 234 -36.66 17.95 2.18
N VAL C 235 -35.66 18.22 1.33
CA VAL C 235 -35.70 17.73 -0.03
C VAL C 235 -35.55 16.21 -0.05
N LEU C 236 -34.60 15.69 0.73
CA LEU C 236 -34.43 14.24 0.81
C LEU C 236 -35.71 13.56 1.29
N LYS C 237 -36.43 14.21 2.21
CA LYS C 237 -37.71 13.66 2.66
C LYS C 237 -38.74 13.71 1.53
N GLN C 238 -38.85 14.85 0.86
CA GLN C 238 -39.80 14.98 -0.25
C GLN C 238 -39.58 13.89 -1.29
N GLU C 239 -38.33 13.63 -1.65
CA GLU C 239 -38.00 12.60 -2.63
C GLU C 239 -37.96 11.20 -2.02
N LYS C 240 -38.46 11.03 -0.80
CA LYS C 240 -38.57 9.73 -0.16
C LYS C 240 -37.21 9.03 -0.08
N ILE C 241 -36.14 9.82 -0.04
CA ILE C 241 -34.81 9.24 0.13
C ILE C 241 -34.54 8.92 1.59
N ILE C 242 -35.02 9.76 2.50
CA ILE C 242 -34.98 9.47 3.93
C ILE C 242 -36.37 9.67 4.51
N PRO C 243 -36.69 9.00 5.62
CA PRO C 243 -37.98 9.25 6.29
C PRO C 243 -37.95 10.52 7.13
N GLU D 2 6.69 0.59 -38.42
CA GLU D 2 8.00 0.66 -37.79
C GLU D 2 7.94 1.68 -36.64
N TRP D 3 7.50 2.89 -36.96
CA TRP D 3 7.38 3.98 -35.99
C TRP D 3 6.00 4.63 -36.16
N GLN D 4 4.98 4.03 -35.55
CA GLN D 4 3.64 4.57 -35.63
C GLN D 4 3.45 5.62 -34.55
N GLU D 5 2.74 6.70 -34.90
CA GLU D 5 2.54 7.84 -34.01
C GLU D 5 1.13 7.80 -33.45
N ASN D 6 1.00 7.95 -32.14
CA ASN D 6 -0.27 7.90 -31.44
C ASN D 6 -0.44 9.18 -30.62
N LYS D 7 -1.21 10.12 -31.15
CA LYS D 7 -1.42 11.40 -30.47
C LYS D 7 -2.21 11.24 -29.18
N SER D 8 -2.93 10.13 -29.01
CA SER D 8 -3.71 9.93 -27.78
C SER D 8 -2.85 10.11 -26.54
N TRP D 9 -1.58 9.68 -26.61
CA TRP D 9 -0.70 9.82 -25.47
C TRP D 9 -0.45 11.28 -25.08
N ASN D 10 -0.58 12.21 -26.02
CA ASN D 10 -0.37 13.62 -25.68
C ASN D 10 -1.20 14.03 -24.48
N ALA D 11 -2.33 13.36 -24.26
CA ALA D 11 -3.16 13.63 -23.09
C ALA D 11 -2.34 13.58 -21.80
N HIS D 12 -1.51 12.53 -21.66
CA HIS D 12 -0.76 12.36 -20.42
C HIS D 12 0.17 13.54 -20.14
N PHE D 13 0.66 14.21 -21.18
CA PHE D 13 1.43 15.43 -20.95
C PHE D 13 0.50 16.61 -20.73
N THR D 14 -0.62 16.65 -21.45
CA THR D 14 -1.56 17.76 -21.34
C THR D 14 -2.24 17.77 -19.97
N GLU D 15 -2.62 16.59 -19.46
CA GLU D 15 -3.26 16.50 -18.16
C GLU D 15 -2.41 17.11 -17.05
N HIS D 16 -1.09 17.16 -17.22
CA HIS D 16 -0.17 17.67 -16.21
C HIS D 16 0.39 19.04 -16.56
N LYS D 17 -0.23 19.76 -17.49
CA LYS D 17 0.25 21.09 -17.88
C LYS D 17 1.71 21.04 -18.30
N SER D 18 2.07 19.98 -19.05
CA SER D 18 3.44 19.78 -19.49
C SER D 18 3.45 19.52 -20.99
N GLN D 19 4.67 19.40 -21.53
CA GLN D 19 4.90 19.06 -22.91
C GLN D 19 6.09 18.11 -22.95
N GLY D 20 6.01 17.10 -23.80
CA GLY D 20 7.11 16.15 -23.88
C GLY D 20 6.79 15.01 -24.82
N VAL D 21 7.70 14.05 -24.86
CA VAL D 21 7.60 12.90 -25.75
C VAL D 21 7.86 11.63 -24.95
N VAL D 22 7.10 10.58 -25.26
CA VAL D 22 7.39 9.22 -24.82
C VAL D 22 7.65 8.39 -26.06
N VAL D 23 8.72 7.60 -26.03
CA VAL D 23 9.05 6.69 -27.11
C VAL D 23 9.11 5.29 -26.51
N LEU D 24 8.32 4.37 -27.06
CA LEU D 24 8.33 2.98 -26.65
C LEU D 24 8.79 2.10 -27.81
N TRP D 25 9.50 1.04 -27.48
CA TRP D 25 9.97 0.08 -28.47
C TRP D 25 9.66 -1.33 -27.98
N ASN D 26 8.81 -2.03 -28.73
CA ASN D 26 8.52 -3.43 -28.44
C ASN D 26 9.61 -4.28 -29.08
N GLU D 27 10.40 -4.97 -28.24
CA GLU D 27 11.55 -5.70 -28.75
C GLU D 27 11.13 -6.94 -29.52
N ASN D 28 10.15 -7.68 -29.02
CA ASN D 28 9.68 -8.88 -29.74
C ASN D 28 9.16 -8.50 -31.11
N LYS D 29 8.31 -7.47 -31.17
CA LYS D 29 7.70 -7.03 -32.42
C LYS D 29 8.59 -6.13 -33.24
N GLN D 30 9.69 -5.64 -32.69
CA GLN D 30 10.54 -4.66 -33.37
C GLN D 30 9.69 -3.51 -33.90
N GLN D 31 8.88 -2.93 -33.02
CA GLN D 31 7.95 -1.87 -33.38
C GLN D 31 8.10 -0.71 -32.39
N GLY D 32 8.07 0.51 -32.92
CA GLY D 32 8.20 1.71 -32.10
C GLY D 32 6.90 2.49 -32.00
N PHE D 33 6.76 3.28 -30.94
CA PHE D 33 5.55 4.07 -30.70
C PHE D 33 5.93 5.36 -30.00
N THR D 34 5.24 6.45 -30.35
CA THR D 34 5.50 7.74 -29.70
C THR D 34 4.29 8.63 -29.89
N ASN D 35 4.20 9.66 -29.05
CA ASN D 35 3.17 10.68 -29.15
C ASN D 35 3.54 11.83 -30.07
N ASN D 36 4.82 11.98 -30.40
CA ASN D 36 5.31 13.18 -31.08
C ASN D 36 6.58 12.79 -31.82
N LEU D 37 6.43 12.43 -33.10
CA LEU D 37 7.56 11.91 -33.86
C LEU D 37 8.62 12.98 -34.08
N LYS D 38 8.21 14.26 -34.12
CA LYS D 38 9.19 15.33 -34.28
C LYS D 38 10.05 15.49 -33.04
N ARG D 39 9.42 15.62 -31.87
CA ARG D 39 10.20 15.77 -30.65
C ARG D 39 11.01 14.50 -30.35
N ALA D 40 10.45 13.33 -30.70
CA ALA D 40 11.17 12.08 -30.52
C ALA D 40 12.57 12.15 -31.15
N ASN D 41 12.73 12.93 -32.21
CA ASN D 41 14.00 13.05 -32.90
C ASN D 41 14.72 14.35 -32.62
N GLN D 42 14.17 15.21 -31.77
CA GLN D 42 14.86 16.44 -31.37
C GLN D 42 15.88 16.11 -30.30
N ALA D 43 17.13 16.50 -30.54
CA ALA D 43 18.24 16.14 -29.66
C ALA D 43 18.41 17.19 -28.56
N PHE D 44 18.57 16.72 -27.33
CA PHE D 44 18.74 17.58 -26.16
C PHE D 44 20.02 17.19 -25.43
N LEU D 45 20.41 18.03 -24.49
CA LEU D 45 21.49 17.66 -23.58
C LEU D 45 21.08 16.41 -22.82
N PRO D 46 21.94 15.39 -22.73
CA PRO D 46 21.54 14.17 -21.99
C PRO D 46 21.52 14.36 -20.49
N ALA D 47 22.34 15.26 -19.95
CA ALA D 47 22.41 15.51 -18.51
C ALA D 47 22.71 14.18 -17.83
N SER D 48 22.01 13.81 -16.75
CA SER D 48 22.40 12.64 -15.97
C SER D 48 22.17 11.32 -16.68
N THR D 49 21.39 11.29 -17.77
CA THR D 49 21.29 10.06 -18.54
C THR D 49 22.65 9.64 -19.10
N PHE D 50 23.58 10.59 -19.19
CA PHE D 50 24.93 10.29 -19.66
C PHE D 50 25.71 9.44 -18.64
N KCX D 51 25.18 9.28 -17.44
CA KCX D 51 25.84 8.45 -16.43
CB KCX D 51 25.10 8.51 -15.08
CG KCX D 51 25.59 9.65 -14.19
CD KCX D 51 24.44 10.50 -13.71
CE KCX D 51 24.90 11.46 -12.61
NZ KCX D 51 26.04 12.27 -13.15
C KCX D 51 25.97 7.00 -16.89
O KCX D 51 26.82 6.27 -16.40
CX KCX D 51 25.80 13.37 -13.85
OQ1 KCX D 51 24.63 13.73 -14.06
OQ2 KCX D 51 26.74 14.03 -14.30
N ILE D 52 25.12 6.60 -17.83
CA ILE D 52 25.17 5.25 -18.38
C ILE D 52 26.45 5.07 -19.22
N PRO D 53 26.59 5.84 -20.30
CA PRO D 53 27.83 5.71 -21.09
C PRO D 53 29.09 6.02 -20.29
N ASN D 54 29.02 7.03 -19.42
CA ASN D 54 30.16 7.35 -18.56
C ASN D 54 30.56 6.14 -17.71
N SER D 55 29.58 5.51 -17.06
CA SER D 55 29.86 4.31 -16.27
C SER D 55 30.52 3.23 -17.11
N LEU D 56 29.98 2.97 -18.30
CA LEU D 56 30.54 1.94 -19.17
C LEU D 56 32.01 2.24 -19.48
N ILE D 57 32.31 3.49 -19.85
CA ILE D 57 33.67 3.83 -20.26
C ILE D 57 34.60 3.77 -19.07
N ALA D 58 34.18 4.29 -17.92
CA ALA D 58 35.01 4.25 -16.73
C ALA D 58 35.35 2.81 -16.36
N LEU D 59 34.35 1.92 -16.40
CA LEU D 59 34.58 0.53 -16.04
C LEU D 59 35.53 -0.16 -17.01
N ASP D 60 35.34 0.05 -18.32
CA ASP D 60 36.11 -0.67 -19.31
C ASP D 60 37.56 -0.21 -19.36
N LEU D 61 37.85 1.00 -18.90
CA LEU D 61 39.22 1.52 -18.87
C LEU D 61 39.91 1.31 -17.53
N GLY D 62 39.23 0.71 -16.55
CA GLY D 62 39.82 0.51 -15.25
C GLY D 62 39.73 1.70 -14.33
N VAL D 63 39.21 2.84 -14.82
CA VAL D 63 39.00 4.00 -13.96
C VAL D 63 38.16 3.62 -12.76
N VAL D 64 37.11 2.82 -12.98
CA VAL D 64 36.33 2.19 -11.92
C VAL D 64 36.60 0.71 -12.00
N LYS D 65 37.03 0.12 -10.88
CA LYS D 65 37.44 -1.28 -10.91
C LYS D 65 36.23 -2.21 -10.77
N ASP D 66 35.25 -1.83 -9.97
CA ASP D 66 34.01 -2.59 -9.85
C ASP D 66 32.99 -1.73 -9.12
N GLU D 67 31.77 -2.26 -8.99
CA GLU D 67 30.65 -1.53 -8.40
C GLU D 67 30.75 -1.35 -6.89
N HIS D 68 31.78 -1.92 -6.24
CA HIS D 68 31.96 -1.74 -4.81
C HIS D 68 33.01 -0.70 -4.45
N GLN D 69 33.85 -0.31 -5.40
CA GLN D 69 34.89 0.68 -5.15
C GLN D 69 34.29 1.95 -4.58
N VAL D 70 34.84 2.40 -3.45
CA VAL D 70 34.30 3.56 -2.74
C VAL D 70 34.95 4.82 -3.29
N PHE D 71 34.13 5.81 -3.62
CA PHE D 71 34.59 7.10 -4.10
C PHE D 71 34.31 8.11 -2.99
N LYS D 72 35.37 8.53 -2.31
CA LYS D 72 35.20 9.39 -1.14
C LYS D 72 34.66 10.76 -1.52
N TRP D 73 33.68 11.22 -0.76
CA TRP D 73 33.27 12.61 -0.80
C TRP D 73 34.48 13.51 -0.63
N ASP D 74 34.57 14.54 -1.47
CA ASP D 74 35.71 15.45 -1.41
C ASP D 74 35.58 16.48 -0.30
N GLY D 75 34.59 16.34 0.59
CA GLY D 75 34.44 17.22 1.73
C GLY D 75 33.83 18.57 1.44
N GLN D 76 33.56 18.89 0.18
CA GLN D 76 32.93 20.15 -0.17
C GLN D 76 31.42 19.99 -0.07
N THR D 77 30.81 20.74 0.83
CA THR D 77 29.36 20.64 1.04
C THR D 77 28.60 21.19 -0.16
N ARG D 78 27.65 20.41 -0.66
CA ARG D 78 26.79 20.81 -1.76
C ARG D 78 25.34 20.77 -1.32
N ASP D 79 24.48 21.42 -2.12
CA ASP D 79 23.09 21.61 -1.71
C ASP D 79 22.29 20.31 -1.71
N ILE D 80 22.81 19.24 -2.29
CA ILE D 80 22.10 17.96 -2.35
C ILE D 80 22.73 17.05 -1.30
N ALA D 81 21.97 16.79 -0.23
CA ALA D 81 22.52 16.10 0.93
C ALA D 81 23.12 14.75 0.54
N THR D 82 22.45 14.01 -0.34
N THR D 82 22.45 14.02 -0.37
CA THR D 82 22.93 12.68 -0.70
CA THR D 82 22.90 12.70 -0.75
C THR D 82 24.23 12.71 -1.50
C THR D 82 24.23 12.72 -1.49
N TRP D 83 24.73 13.90 -1.88
CA TRP D 83 26.02 14.01 -2.53
C TRP D 83 27.17 14.17 -1.54
N ASN D 84 26.87 14.58 -0.31
CA ASN D 84 27.91 14.85 0.68
C ASN D 84 28.19 13.59 1.50
N ARG D 85 28.63 12.55 0.80
CA ARG D 85 28.97 11.28 1.44
C ARG D 85 29.67 10.41 0.42
N ASP D 86 30.24 9.30 0.92
CA ASP D 86 30.93 8.35 0.05
C ASP D 86 29.92 7.62 -0.84
N HIS D 87 30.39 7.19 -2.01
CA HIS D 87 29.55 6.50 -2.96
C HIS D 87 30.32 5.39 -3.66
N ASN D 88 29.59 4.40 -4.13
CA ASN D 88 30.05 3.44 -5.11
C ASN D 88 29.24 3.63 -6.37
N LEU D 89 29.56 2.85 -7.40
CA LEU D 89 28.87 3.00 -8.68
C LEU D 89 27.37 2.91 -8.50
N ILE D 90 26.91 2.00 -7.64
CA ILE D 90 25.47 1.79 -7.46
C ILE D 90 24.82 3.05 -6.91
N THR D 91 25.34 3.56 -5.79
CA THR D 91 24.73 4.72 -5.15
C THR D 91 24.96 6.00 -5.93
N ALA D 92 26.11 6.14 -6.60
CA ALA D 92 26.35 7.32 -7.41
C ALA D 92 25.32 7.43 -8.53
N MET D 93 24.93 6.30 -9.11
N MET D 93 24.97 6.29 -9.14
CA MET D 93 23.89 6.33 -10.14
CA MET D 93 23.89 6.26 -10.12
C MET D 93 22.51 6.57 -9.52
C MET D 93 22.56 6.61 -9.47
N LYS D 94 22.21 5.88 -8.41
CA LYS D 94 20.91 6.05 -7.76
C LYS D 94 20.64 7.51 -7.43
N TYR D 95 21.65 8.24 -6.97
CA TYR D 95 21.49 9.62 -6.55
C TYR D 95 22.03 10.61 -7.56
N SER D 96 22.35 10.17 -8.77
CA SER D 96 22.81 11.04 -9.84
C SER D 96 23.86 12.01 -9.32
N VAL D 97 24.93 11.45 -8.77
CA VAL D 97 25.93 12.22 -8.04
C VAL D 97 26.91 12.76 -9.08
N VAL D 98 26.68 14.01 -9.50
CA VAL D 98 27.49 14.59 -10.57
C VAL D 98 28.98 14.63 -10.22
N PRO D 99 29.39 15.12 -9.04
CA PRO D 99 30.84 15.26 -8.79
C PRO D 99 31.62 13.96 -8.92
N VAL D 100 31.03 12.82 -8.60
CA VAL D 100 31.72 11.55 -8.79
C VAL D 100 31.97 11.31 -10.28
N TYR D 101 30.94 11.54 -11.10
CA TYR D 101 31.07 11.31 -12.53
C TYR D 101 31.93 12.38 -13.20
N GLN D 102 32.00 13.58 -12.60
CA GLN D 102 32.94 14.57 -13.10
C GLN D 102 34.38 14.09 -12.92
N GLU D 103 34.66 13.41 -11.81
CA GLU D 103 35.99 12.84 -11.60
C GLU D 103 36.26 11.69 -12.56
N PHE D 104 35.25 10.85 -12.81
CA PHE D 104 35.38 9.83 -13.84
C PHE D 104 35.82 10.45 -15.15
N ALA D 105 35.10 11.49 -15.60
CA ALA D 105 35.38 12.09 -16.90
C ALA D 105 36.80 12.63 -16.96
N ARG D 106 37.21 13.37 -15.92
CA ARG D 106 38.58 13.90 -15.90
C ARG D 106 39.61 12.79 -15.98
N GLN D 107 39.34 11.65 -15.34
CA GLN D 107 40.28 10.54 -15.37
C GLN D 107 40.21 9.78 -16.69
N ILE D 108 39.03 9.64 -17.28
CA ILE D 108 38.93 9.07 -18.63
C ILE D 108 39.74 9.91 -19.61
N GLY D 109 39.52 11.22 -19.60
CA GLY D 109 40.26 12.11 -20.49
C GLY D 109 39.49 12.41 -21.77
N GLU D 110 39.81 13.57 -22.35
CA GLU D 110 39.11 14.04 -23.55
C GLU D 110 39.23 13.03 -24.69
N ALA D 111 40.45 12.56 -24.96
CA ALA D 111 40.68 11.69 -26.11
C ALA D 111 39.87 10.40 -25.99
N ARG D 112 40.03 9.67 -24.90
CA ARG D 112 39.36 8.37 -24.77
C ARG D 112 37.85 8.52 -24.68
N MET D 113 37.38 9.56 -24.00
CA MET D 113 35.95 9.83 -23.96
C MET D 113 35.38 10.00 -25.36
N SER D 114 36.16 10.66 -26.24
CA SER D 114 35.68 10.94 -27.59
C SER D 114 35.58 9.66 -28.41
N LYS D 115 36.61 8.80 -28.36
CA LYS D 115 36.57 7.57 -29.15
C LYS D 115 35.37 6.72 -28.75
N MET D 116 35.16 6.54 -27.44
CA MET D 116 34.13 5.63 -26.98
C MET D 116 32.73 6.10 -27.36
N LEU D 117 32.52 7.41 -27.41
CA LEU D 117 31.22 7.91 -27.86
C LEU D 117 31.05 7.71 -29.36
N HIS D 118 32.12 7.77 -30.13
CA HIS D 118 32.05 7.37 -31.54
C HIS D 118 31.82 5.87 -31.63
N ALA D 119 32.58 5.09 -30.85
CA ALA D 119 32.37 3.64 -30.81
C ALA D 119 30.94 3.30 -30.42
N PHE D 120 30.36 4.06 -29.50
CA PHE D 120 28.98 3.82 -29.07
C PHE D 120 27.94 4.40 -30.02
N ASP D 121 28.34 5.21 -31.00
CA ASP D 121 27.38 5.90 -31.86
C ASP D 121 26.37 6.68 -31.03
N TYR D 122 26.87 7.33 -29.98
CA TYR D 122 26.05 7.97 -28.97
C TYR D 122 25.76 9.41 -29.37
N GLY D 123 24.49 9.70 -29.67
CA GLY D 123 24.11 11.07 -29.97
C GLY D 123 24.93 11.65 -31.11
N ASN D 124 25.22 12.95 -31.00
CA ASN D 124 26.07 13.61 -31.97
C ASN D 124 27.55 13.31 -31.77
N GLU D 125 27.90 12.54 -30.74
CA GLU D 125 29.28 12.11 -30.49
C GLU D 125 30.22 13.30 -30.32
N ASP D 126 29.70 14.42 -29.85
CA ASP D 126 30.46 15.65 -29.69
C ASP D 126 30.61 15.96 -28.20
N ILE D 127 31.85 15.95 -27.72
CA ILE D 127 32.14 16.27 -26.32
C ILE D 127 32.67 17.69 -26.18
N SER D 128 32.38 18.57 -27.13
CA SER D 128 32.89 19.93 -27.07
C SER D 128 32.46 20.59 -25.77
N GLY D 129 33.39 21.32 -25.16
CA GLY D 129 33.18 21.91 -23.85
C GLY D 129 34.17 21.36 -22.84
N ASN D 130 33.88 21.54 -21.56
CA ASN D 130 34.76 21.01 -20.52
C ASN D 130 34.53 19.51 -20.37
N VAL D 131 35.63 18.77 -20.29
CA VAL D 131 35.54 17.31 -20.21
C VAL D 131 34.73 16.86 -19.00
N ASP D 132 34.68 17.67 -17.95
CA ASP D 132 34.00 17.30 -16.72
C ASP D 132 32.63 17.93 -16.60
N SER D 133 32.08 18.47 -17.70
CA SER D 133 30.74 19.04 -17.65
C SER D 133 30.08 19.10 -19.01
N PHE D 134 30.69 18.50 -20.04
CA PHE D 134 30.16 18.65 -21.39
C PHE D 134 28.75 18.09 -21.50
N TRP D 135 28.42 17.09 -20.69
CA TRP D 135 27.08 16.52 -20.70
C TRP D 135 26.06 17.40 -19.98
N LEU D 136 26.50 18.48 -19.34
CA LEU D 136 25.61 19.43 -18.68
C LEU D 136 25.50 20.75 -19.43
N ASP D 137 26.58 21.19 -20.09
CA ASP D 137 26.56 22.46 -20.79
C ASP D 137 27.53 22.48 -21.97
N GLY D 138 27.89 21.34 -22.52
CA GLY D 138 28.76 21.24 -23.68
C GLY D 138 27.98 20.98 -24.95
N GLY D 139 28.65 20.38 -25.92
CA GLY D 139 28.09 20.21 -27.25
C GLY D 139 27.36 18.91 -27.50
N ILE D 140 27.32 18.00 -26.53
CA ILE D 140 26.71 16.69 -26.75
C ILE D 140 25.20 16.83 -26.78
N ARG D 141 24.57 16.09 -27.70
CA ARG D 141 23.12 16.09 -27.87
C ARG D 141 22.67 14.68 -28.20
N ILE D 142 21.47 14.34 -27.76
CA ILE D 142 20.89 13.03 -28.03
C ILE D 142 19.38 13.16 -28.03
N SER D 143 18.72 12.41 -28.89
CA SER D 143 17.26 12.37 -28.96
C SER D 143 16.74 11.11 -28.28
N ALA D 144 15.43 11.08 -28.07
CA ALA D 144 14.79 9.92 -27.46
C ALA D 144 15.05 8.67 -28.29
N THR D 145 14.89 8.76 -29.61
CA THR D 145 15.12 7.61 -30.46
C THR D 145 16.59 7.18 -30.42
N GLU D 146 17.51 8.13 -30.25
CA GLU D 146 18.92 7.77 -30.11
C GLU D 146 19.18 7.09 -28.78
N GLN D 147 18.51 7.53 -27.72
CA GLN D 147 18.59 6.85 -26.44
C GLN D 147 18.15 5.40 -26.59
N ILE D 148 17.01 5.17 -27.24
CA ILE D 148 16.50 3.81 -27.43
C ILE D 148 17.55 2.95 -28.11
N SER D 149 18.07 3.41 -29.25
N SER D 149 18.06 3.40 -29.25
CA SER D 149 19.06 2.64 -29.99
CA SER D 149 19.07 2.63 -29.98
C SER D 149 20.25 2.29 -29.10
C SER D 149 20.25 2.29 -29.10
N PHE D 150 20.71 3.26 -28.29
CA PHE D 150 21.84 2.99 -27.41
C PHE D 150 21.46 1.97 -26.34
N LEU D 151 20.28 2.12 -25.73
CA LEU D 151 19.86 1.20 -24.70
C LEU D 151 19.69 -0.22 -25.25
N ARG D 152 19.15 -0.36 -26.46
CA ARG D 152 18.99 -1.69 -27.04
C ARG D 152 20.35 -2.37 -27.21
N LYS D 153 21.33 -1.64 -27.72
CA LYS D 153 22.68 -2.19 -27.81
C LYS D 153 23.17 -2.64 -26.44
N LEU D 154 22.93 -1.82 -25.40
CA LEU D 154 23.35 -2.18 -24.06
C LEU D 154 22.68 -3.46 -23.59
N TYR D 155 21.36 -3.55 -23.75
CA TYR D 155 20.63 -4.74 -23.31
C TYR D 155 21.23 -6.01 -23.89
N HIS D 156 21.54 -6.01 -25.18
CA HIS D 156 22.06 -7.18 -25.87
C HIS D 156 23.57 -7.31 -25.78
N ASN D 157 24.23 -6.52 -24.92
CA ASN D 157 25.67 -6.60 -24.72
C ASN D 157 26.43 -6.37 -26.03
N LYS D 158 25.89 -5.52 -26.90
CA LYS D 158 26.45 -5.28 -28.23
C LYS D 158 27.32 -4.04 -28.32
N LEU D 159 27.38 -3.23 -27.27
CA LEU D 159 28.29 -2.09 -27.26
C LEU D 159 29.73 -2.57 -27.30
N HIS D 160 30.62 -1.72 -27.81
CA HIS D 160 32.03 -2.09 -27.98
C HIS D 160 32.79 -1.88 -26.67
N VAL D 161 32.32 -2.59 -25.64
CA VAL D 161 33.00 -2.73 -24.36
C VAL D 161 32.75 -4.16 -23.88
N SER D 162 33.55 -4.59 -22.91
CA SER D 162 33.45 -5.96 -22.45
C SER D 162 32.04 -6.25 -21.95
N GLU D 163 31.65 -7.52 -22.04
CA GLU D 163 30.37 -7.94 -21.47
C GLU D 163 30.28 -7.57 -19.99
N ARG D 164 31.41 -7.68 -19.26
CA ARG D 164 31.41 -7.39 -17.84
C ARG D 164 30.99 -5.95 -17.57
N SER D 165 31.60 -5.00 -18.27
CA SER D 165 31.26 -3.60 -18.07
C SER D 165 29.77 -3.35 -18.28
N GLN D 166 29.20 -3.98 -19.30
CA GLN D 166 27.78 -3.76 -19.60
C GLN D 166 26.88 -4.42 -18.55
N ARG D 167 27.24 -5.62 -18.09
CA ARG D 167 26.46 -6.25 -17.03
C ARG D 167 26.47 -5.39 -15.76
N ILE D 168 27.64 -4.87 -15.37
CA ILE D 168 27.72 -4.08 -14.15
C ILE D 168 26.82 -2.86 -14.26
N VAL D 169 26.89 -2.14 -15.38
CA VAL D 169 26.09 -0.93 -15.54
C VAL D 169 24.61 -1.26 -15.50
N LYS D 170 24.20 -2.33 -16.18
CA LYS D 170 22.79 -2.71 -16.13
C LYS D 170 22.35 -3.02 -14.71
N GLN D 171 23.24 -3.56 -13.88
CA GLN D 171 22.93 -3.70 -12.46
C GLN D 171 22.72 -2.34 -11.82
N ALA D 172 23.65 -1.41 -12.06
CA ALA D 172 23.55 -0.09 -11.47
C ALA D 172 22.29 0.65 -11.93
N MET D 173 21.78 0.32 -13.12
CA MET D 173 20.56 0.94 -13.61
C MET D 173 19.30 0.44 -12.90
N LEU D 174 19.40 -0.64 -12.13
CA LEU D 174 18.23 -1.20 -11.46
C LEU D 174 17.52 -0.13 -10.65
N THR D 175 16.23 0.05 -10.92
CA THR D 175 15.42 1.07 -10.29
C THR D 175 14.23 0.50 -9.54
N GLU D 176 13.52 -0.45 -10.15
CA GLU D 176 12.33 -1.03 -9.54
C GLU D 176 12.19 -2.47 -9.99
N ALA D 177 11.79 -3.34 -9.06
CA ALA D 177 11.58 -4.74 -9.36
C ALA D 177 10.53 -5.29 -8.42
N ASN D 178 9.56 -6.01 -8.98
CA ASN D 178 8.54 -6.68 -8.20
C ASN D 178 8.17 -7.98 -8.91
N GLY D 179 7.07 -8.59 -8.52
CA GLY D 179 6.64 -9.82 -9.14
C GLY D 179 6.16 -9.67 -10.58
N ASP D 180 5.93 -8.43 -11.02
CA ASP D 180 5.35 -8.20 -12.34
C ASP D 180 6.34 -7.68 -13.38
N TYR D 181 7.35 -6.90 -12.98
CA TYR D 181 8.27 -6.35 -13.96
C TYR D 181 9.56 -5.93 -13.26
N ILE D 182 10.57 -5.66 -14.09
CA ILE D 182 11.84 -5.08 -13.64
C ILE D 182 12.11 -3.86 -14.52
N ILE D 183 12.42 -2.73 -13.89
CA ILE D 183 12.79 -1.52 -14.61
C ILE D 183 14.26 -1.21 -14.35
N ARG D 184 15.02 -1.07 -15.42
CA ARG D 184 16.39 -0.56 -15.37
C ARG D 184 16.42 0.75 -16.16
N ALA D 185 16.74 1.85 -15.50
CA ALA D 185 16.56 3.17 -16.10
C ALA D 185 17.49 4.17 -15.43
N LYS D 186 17.53 5.37 -16.01
CA LYS D 186 18.30 6.48 -15.46
C LYS D 186 17.55 7.78 -15.73
N THR D 187 17.52 8.66 -14.73
CA THR D 187 16.85 9.95 -14.84
C THR D 187 17.82 11.03 -15.34
N GLY D 188 17.25 12.14 -15.76
CA GLY D 188 18.03 13.28 -16.23
C GLY D 188 17.32 14.58 -15.96
N TYR D 189 18.11 15.60 -15.66
CA TYR D 189 17.57 16.94 -15.36
C TYR D 189 18.54 17.95 -15.96
N SER D 190 18.12 18.58 -17.07
CA SER D 190 18.95 19.54 -17.79
C SER D 190 18.45 20.94 -17.50
N THR D 191 19.29 21.77 -16.88
CA THR D 191 18.91 23.13 -16.52
C THR D 191 19.85 24.21 -17.07
N ARG D 192 21.07 23.86 -17.48
CA ARG D 192 22.05 24.87 -17.81
C ARG D 192 21.81 25.54 -19.16
N ILE D 193 21.01 24.94 -20.02
CA ILE D 193 20.69 25.53 -21.33
C ILE D 193 19.24 25.24 -21.64
N GLU D 194 18.55 26.23 -22.22
CA GLU D 194 17.14 26.07 -22.53
C GLU D 194 16.96 25.14 -23.73
N PRO D 195 15.83 24.41 -23.79
CA PRO D 195 14.79 24.37 -22.77
C PRO D 195 15.14 23.41 -21.62
N LYS D 196 14.74 23.77 -20.40
CA LYS D 196 14.96 22.89 -19.26
C LYS D 196 14.09 21.66 -19.40
N ILE D 197 14.69 20.48 -19.28
CA ILE D 197 13.99 19.22 -19.52
C ILE D 197 14.35 18.20 -18.45
N GLY D 198 13.45 17.24 -18.29
CA GLY D 198 13.71 16.04 -17.51
C GLY D 198 13.73 14.83 -18.42
N TRP D 199 14.61 13.89 -18.12
CA TRP D 199 14.71 12.62 -18.86
C TRP D 199 14.25 11.47 -17.99
N TRP D 200 13.74 10.43 -18.64
CA TRP D 200 13.74 9.09 -18.04
C TRP D 200 13.87 8.09 -19.18
N VAL D 201 14.95 7.32 -19.16
CA VAL D 201 15.26 6.37 -20.23
C VAL D 201 15.60 5.02 -19.60
N GLY D 202 15.22 3.96 -20.30
CA GLY D 202 15.52 2.61 -19.84
C GLY D 202 14.69 1.57 -20.54
N TRP D 203 14.27 0.54 -19.80
CA TRP D 203 13.43 -0.50 -20.37
C TRP D 203 12.71 -1.23 -19.25
N VAL D 204 11.67 -1.97 -19.63
CA VAL D 204 10.83 -2.72 -18.71
C VAL D 204 10.94 -4.18 -19.09
N GLU D 205 11.54 -4.98 -18.21
CA GLU D 205 11.69 -6.41 -18.45
C GLU D 205 10.43 -7.14 -17.99
N LEU D 206 9.84 -7.92 -18.89
CA LEU D 206 8.72 -8.79 -18.59
C LEU D 206 9.17 -10.24 -18.72
N ASP D 207 8.31 -11.16 -18.29
CA ASP D 207 8.62 -12.58 -18.39
C ASP D 207 9.04 -12.95 -19.81
N ASP D 208 8.34 -12.41 -20.82
CA ASP D 208 8.49 -12.86 -22.20
C ASP D 208 8.72 -11.72 -23.18
N ASN D 209 9.06 -10.52 -22.71
CA ASN D 209 9.28 -9.40 -23.61
C ASN D 209 10.00 -8.29 -22.84
N VAL D 210 10.51 -7.31 -23.60
N VAL D 210 10.52 -7.32 -23.60
CA VAL D 210 11.13 -6.13 -23.02
CA VAL D 210 11.16 -6.13 -23.05
C VAL D 210 10.66 -4.91 -23.79
C VAL D 210 10.63 -4.91 -23.80
N TRP D 211 10.21 -3.89 -23.06
CA TRP D 211 9.76 -2.63 -23.63
C TRP D 211 10.79 -1.56 -23.28
N PHE D 212 11.55 -1.12 -24.28
CA PHE D 212 12.45 0.00 -24.10
C PHE D 212 11.66 1.30 -24.12
N PHE D 213 12.05 2.23 -23.26
CA PHE D 213 11.36 3.52 -23.20
C PHE D 213 12.37 4.66 -23.12
N ALA D 214 11.94 5.82 -23.57
CA ALA D 214 12.75 7.04 -23.51
C ALA D 214 11.81 8.23 -23.57
N MET D 215 11.83 9.06 -22.54
CA MET D 215 10.95 10.22 -22.48
C MET D 215 11.74 11.43 -22.03
N ASN D 216 11.33 12.60 -22.54
CA ASN D 216 11.77 13.86 -21.98
C ASN D 216 10.58 14.82 -21.98
N MET D 217 10.70 15.88 -21.18
CA MET D 217 9.60 16.80 -20.98
C MET D 217 10.14 18.12 -20.47
N ASP D 218 9.41 19.19 -20.77
CA ASP D 218 9.79 20.50 -20.27
C ASP D 218 9.71 20.53 -18.75
N MET D 219 10.67 21.19 -18.12
CA MET D 219 10.83 21.18 -16.67
C MET D 219 11.23 22.57 -16.21
N PRO D 220 10.26 23.50 -16.14
CA PRO D 220 10.62 24.86 -15.69
C PRO D 220 11.16 24.88 -14.26
N THR D 221 10.56 24.10 -13.37
CA THR D 221 11.00 24.02 -11.98
C THR D 221 11.23 22.56 -11.61
N SER D 222 12.03 22.35 -10.57
CA SER D 222 12.27 21.00 -10.08
C SER D 222 11.03 20.39 -9.46
N ASP D 223 9.95 21.16 -9.29
CA ASP D 223 8.74 20.66 -8.64
C ASP D 223 8.08 19.54 -9.43
N GLY D 224 8.34 19.44 -10.74
CA GLY D 224 7.67 18.46 -11.57
C GLY D 224 8.56 17.32 -11.98
N LEU D 225 9.68 17.14 -11.28
CA LEU D 225 10.63 16.09 -11.66
C LEU D 225 10.03 14.70 -11.50
N GLY D 226 9.09 14.52 -10.58
CA GLY D 226 8.45 13.24 -10.39
C GLY D 226 7.55 12.83 -11.53
N LEU D 227 7.12 13.78 -12.36
CA LEU D 227 6.28 13.44 -13.50
C LEU D 227 7.03 12.66 -14.55
N ARG D 228 8.37 12.71 -14.54
CA ARG D 228 9.14 11.91 -15.48
C ARG D 228 8.76 10.44 -15.37
N GLN D 229 8.75 9.91 -14.14
CA GLN D 229 8.39 8.51 -13.93
C GLN D 229 6.88 8.32 -13.92
N ALA D 230 6.14 9.29 -13.37
CA ALA D 230 4.68 9.14 -13.26
C ALA D 230 4.02 9.14 -14.63
N ILE D 231 4.48 9.99 -15.54
CA ILE D 231 3.89 10.04 -16.87
C ILE D 231 4.24 8.78 -17.65
N THR D 232 5.50 8.36 -17.60
CA THR D 232 5.90 7.12 -18.26
C THR D 232 5.05 5.95 -17.76
N LYS D 233 4.83 5.86 -16.45
CA LYS D 233 4.08 4.74 -15.90
C LYS D 233 2.61 4.80 -16.31
N GLU D 234 2.05 6.00 -16.44
CA GLU D 234 0.67 6.11 -16.91
C GLU D 234 0.53 5.56 -18.32
N VAL D 235 1.52 5.79 -19.17
CA VAL D 235 1.49 5.26 -20.53
C VAL D 235 1.64 3.74 -20.52
N LEU D 236 2.60 3.24 -19.74
CA LEU D 236 2.78 1.79 -19.66
C LEU D 236 1.51 1.11 -19.15
N LYS D 237 0.82 1.74 -18.20
CA LYS D 237 -0.44 1.18 -17.71
C LYS D 237 -1.52 1.27 -18.78
N GLN D 238 -1.68 2.44 -19.40
CA GLN D 238 -2.67 2.59 -20.46
C GLN D 238 -2.46 1.54 -21.56
N GLU D 239 -1.20 1.32 -21.95
CA GLU D 239 -0.88 0.33 -22.97
C GLU D 239 -0.77 -1.07 -22.40
N LYS D 240 -1.23 -1.27 -21.16
CA LYS D 240 -1.30 -2.61 -20.55
C LYS D 240 0.06 -3.32 -20.56
N ILE D 241 1.15 -2.54 -20.53
CA ILE D 241 2.48 -3.13 -20.40
C ILE D 241 2.76 -3.48 -18.95
N ILE D 242 2.27 -2.66 -18.03
CA ILE D 242 2.31 -2.97 -16.60
C ILE D 242 0.90 -2.80 -16.05
N PRO D 243 0.58 -3.46 -14.92
CA PRO D 243 -0.74 -3.23 -14.34
C PRO D 243 -0.82 -1.90 -13.61
C JSX E . 3.72 -26.76 -3.65
O JSX E . 3.07 -27.87 -3.20
C1 JSX E . 4.84 -26.89 -4.46
C10 JSX E . 7.16 -21.37 -4.90
C11 JSX E . 8.08 -20.56 -4.03
C12 JSX E . 6.54 -22.51 -4.39
C2 JSX E . 5.48 -25.77 -4.93
C3 JSX E . 3.25 -25.50 -3.33
C4 JSX E . 3.91 -24.38 -3.80
C5 JSX E . 5.03 -24.49 -4.62
C6 JSX E . 5.69 -23.28 -5.19
C7 JSX E . 5.47 -22.88 -6.50
C8 JSX E . 6.07 -21.74 -7.01
C9 JSX E . 6.92 -20.99 -6.21
O1 JSX E . 8.77 -21.17 -3.17
O2 JSX E . 8.11 -19.32 -4.20
H JSX E . 2.88 -27.74 -2.23
H1 JSX E . 5.21 -27.89 -4.71
H8 JSX E . 6.74 -22.80 -3.36
H2 JSX E . 6.36 -25.88 -5.56
H3 JSX E . 2.38 -25.38 -2.68
H4 JSX E . 3.53 -23.39 -3.54
H5 JSX E . 4.80 -23.48 -7.13
H6 JSX E . 5.88 -21.46 -8.04
H7 JSX E . 7.40 -20.10 -6.61
CL CL F . -16.72 5.54 9.04
C JSX G . -17.99 33.37 11.22
O JSX G . -17.87 34.72 11.07
C1 JSX G . -17.07 32.52 10.65
C10 JSX G . -19.37 27.03 10.95
C11 JSX G . -20.28 26.26 10.02
C12 JSX G . -19.23 28.40 10.82
C2 JSX G . -17.19 31.15 10.80
C3 JSX G . -19.05 32.85 11.95
C4 JSX G . -19.17 31.47 12.09
C5 JSX G . -18.25 30.60 11.53
C6 JSX G . -18.40 29.13 11.68
C7 JSX G . -17.71 28.44 12.68
C8 JSX G . -17.86 27.06 12.81
C9 JSX G . -18.68 26.37 11.96
O1 JSX G . -21.32 25.75 10.50
O2 JSX G . -19.93 26.18 8.80
H JSX G . -17.80 34.90 10.09
H1 JSX G . -16.24 32.92 10.08
H8 JSX G . -19.77 28.91 10.02
H2 JSX G . -16.46 30.49 10.34
H3 JSX G . -19.79 33.49 12.42
H4 JSX G . -20.01 31.08 12.67
H5 JSX G . -17.06 28.98 13.35
H6 JSX G . -17.31 26.54 13.60
H7 JSX G . -18.81 25.29 12.06
C JSX H . 18.37 20.84 -8.47
O JSX H . 18.27 22.20 -8.35
C1 JSX H . 19.53 20.28 -8.98
C10 JSX H . 18.14 14.53 -9.98
C11 JSX H . 17.41 13.82 -11.10
C12 JSX H . 18.06 15.92 -9.86
C2 JSX H . 19.64 18.91 -9.10
C3 JSX H . 17.33 20.03 -8.06
C4 JSX H . 17.45 18.65 -8.18
C5 JSX H . 18.60 18.07 -8.70
C6 JSX H . 18.71 16.59 -8.83
C7 JSX H . 19.45 15.84 -7.92
C8 JSX H . 19.54 14.47 -8.02
C9 JSX H . 18.88 13.81 -9.06
O1 JSX H . 16.28 13.35 -10.84
O2 JSX H . 17.98 13.75 -12.22
H JSX H . 18.16 22.58 -9.26
H1 JSX H . 20.35 20.93 -9.30
H8 JSX H . 17.48 16.47 -10.60
H2 JSX H . 20.54 18.48 -9.52
H3 JSX H . 16.42 20.45 -7.64
H4 JSX H . 16.62 18.02 -7.86
H5 JSX H . 19.98 16.36 -7.10
H6 JSX H . 20.12 13.91 -7.30
H7 JSX H . 18.94 12.73 -9.14
#